data_7LI7
#
_entry.id   7LI7
#
_cell.length_a   1.00
_cell.length_b   1.00
_cell.length_c   1.00
_cell.angle_alpha   90.00
_cell.angle_beta   90.00
_cell.angle_gamma   90.00
#
_symmetry.space_group_name_H-M   'P 1'
#
loop_
_entity.id
_entity.type
_entity.pdbx_description
1 polymer 'Sodium-dependent serotonin transporter'
2 polymer 'variable domain of 15B8 antibody Fab heavy chain'
3 polymer 'variable domain of 15B8 antibody Fab light chain'
4 branched 2-acetamido-2-deoxy-beta-D-glucopyranose-(1-4)-2-acetamido-2-deoxy-beta-D-glucopyranose
5 non-polymer DODECANE
6 non-polymer HEPTANE
7 non-polymer PENTANE
8 non-polymer CHOLESTEROL
9 non-polymer DECANE
#
loop_
_entity_poly.entity_id
_entity_poly.type
_entity_poly.pdbx_seq_one_letter_code
_entity_poly.pdbx_strand_id
1 'polypeptide(L)'
;RETWGKKVDFLLSVIGYAVDLGNVWRFPYICYQNGGGAFLLPYTIMAIFGGIPLFYMELALGQYHRNGCISIWRKICPIF
KGIGYAICIIAFYIASYYNTIMAWALYYLISSFTDQLPWTSCKNSWNTGNCTNYFSEDNITWTLHSTSPAEEFYTRHVLQ
IHRSKGLQDLGGISWQLALCIMLIFTVIYFSIWKGVKTSGKVVWVTATFPYIILSVLLVRGATLPGAWRGVLFYLKPNWQ
KLLETGVWIDAAAQIFFSLGPGFGVLLAFASYNKFNNNCYQDALVTSVVNCMTSFVSGFVIFTVLGYMAEMRNEDVSEVA
KDAGPSLLFITYAEAIANMPASTFFAIIFFLMLITLGLDSTFAGLEGVITAVLDEFPHVWAKRRERFVLAVVITCFFGSL
VTLTFGGAYVVKLLEEYATGPAVLTVALIEAVAVSWFYGITQFCRDVKEMLGFSPGWFWRICWVAISPLFLLFIICSFLM
SPPQLRLFQYNYPYWSIILGYCIGTSSFICIPTYIAYRLIITPGTFKERIIKSITPE
;
A
2 'polypeptide(L)'
;QVQLQQSGPELVKLGASVRISCKASGYRFSYSWMNWVKQRPGKGLEWIGRIYPGDGDTKYSGKFKGKATLTADKSSSTVY
MQLSSLTSEDSAVYFCARSAYGSEGFAMDYWGQGTSVT
;
B
3 'polypeptide(L)'
;DIVLTQSPASLAVSLGQRATISCRASESVDNYGISFLNWFQQKPGQPPKLLIYAASNQGSGVPARFSGSGSGTYFSLNIH
PMEEDDTAVYFCQQTKGVSWTFGGGTKVEI
;
C
#
loop_
_chem_comp.id
_chem_comp.type
_chem_comp.name
_chem_comp.formula
CLR non-polymer CHOLESTEROL 'C27 H46 O'
D10 non-polymer DECANE 'C10 H22'
D12 non-polymer DODECANE 'C12 H26'
HP6 non-polymer HEPTANE 'C7 H16'
LNK non-polymer PENTANE 'C5 H12'
NAG D-saccharide, beta linking 2-acetamido-2-deoxy-beta-D-glucopyranose 'C8 H15 N O6'
#
# COMPACT_ATOMS: atom_id res chain seq x y z
N ARG A 1 -33.59 -23.46 -8.21
CA ARG A 1 -32.97 -22.33 -7.52
C ARG A 1 -32.73 -21.17 -8.50
N GLU A 2 -31.75 -20.32 -8.17
CA GLU A 2 -31.43 -19.19 -9.02
C GLU A 2 -30.66 -19.63 -10.25
N THR A 3 -30.91 -18.95 -11.36
CA THR A 3 -30.28 -19.26 -12.63
C THR A 3 -29.43 -18.07 -13.07
N TRP A 4 -28.22 -18.37 -13.56
CA TRP A 4 -27.32 -17.31 -14.03
C TRP A 4 -27.96 -16.50 -15.15
N GLY A 5 -28.64 -17.18 -16.07
CA GLY A 5 -29.26 -16.49 -17.19
C GLY A 5 -28.37 -16.40 -18.40
N LYS A 6 -27.71 -15.26 -18.58
CA LYS A 6 -26.85 -15.05 -19.73
C LYS A 6 -25.56 -15.85 -19.57
N LYS A 7 -25.33 -16.79 -20.49
CA LYS A 7 -24.11 -17.59 -20.46
C LYS A 7 -22.88 -16.72 -20.66
N VAL A 8 -22.96 -15.72 -21.53
CA VAL A 8 -21.86 -14.79 -21.72
C VAL A 8 -21.57 -14.05 -20.43
N ASP A 9 -22.63 -13.62 -19.72
CA ASP A 9 -22.43 -12.92 -18.45
C ASP A 9 -21.78 -13.84 -17.42
N PHE A 10 -22.22 -15.10 -17.36
CA PHE A 10 -21.62 -16.04 -16.41
C PHE A 10 -20.13 -16.24 -16.71
N LEU A 11 -19.79 -16.53 -17.96
CA LEU A 11 -18.39 -16.77 -18.31
C LEU A 11 -17.56 -15.50 -18.09
N LEU A 12 -18.14 -14.34 -18.36
CA LEU A 12 -17.42 -13.09 -18.15
C LEU A 12 -17.16 -12.85 -16.67
N SER A 13 -18.13 -13.20 -15.81
CA SER A 13 -17.91 -13.09 -14.38
C SER A 13 -16.81 -14.04 -13.92
N VAL A 14 -16.81 -15.27 -14.45
CA VAL A 14 -15.76 -16.22 -14.07
C VAL A 14 -14.38 -15.70 -14.48
N ILE A 15 -14.25 -15.19 -15.70
CA ILE A 15 -12.93 -14.73 -16.13
C ILE A 15 -12.55 -13.43 -15.42
N GLY A 16 -13.54 -12.61 -15.04
CA GLY A 16 -13.23 -11.42 -14.27
C GLY A 16 -12.79 -11.73 -12.85
N TYR A 17 -13.29 -12.82 -12.28
CA TYR A 17 -12.74 -13.28 -11.00
C TYR A 17 -11.36 -13.88 -11.18
N ALA A 18 -11.16 -14.61 -12.29
CA ALA A 18 -9.84 -15.19 -12.55
C ALA A 18 -8.77 -14.12 -12.65
N VAL A 19 -9.04 -13.06 -13.41
CA VAL A 19 -8.15 -11.90 -13.42
C VAL A 19 -8.25 -11.21 -12.07
N ASP A 20 -7.11 -11.07 -11.39
CA ASP A 20 -7.11 -10.63 -10.00
C ASP A 20 -6.03 -9.59 -9.76
N LEU A 21 -6.41 -8.52 -9.05
CA LEU A 21 -5.41 -7.59 -8.55
C LEU A 21 -4.42 -8.28 -7.62
N GLY A 22 -4.88 -9.28 -6.87
CA GLY A 22 -3.97 -10.07 -6.06
C GLY A 22 -2.94 -10.81 -6.88
N ASN A 23 -3.36 -11.38 -8.02
CA ASN A 23 -2.41 -12.02 -8.93
C ASN A 23 -1.43 -11.00 -9.50
N VAL A 24 -1.96 -9.86 -9.98
CA VAL A 24 -1.11 -8.80 -10.52
C VAL A 24 -0.12 -8.31 -9.46
N TRP A 25 -0.49 -8.41 -8.19
CA TRP A 25 0.38 -7.98 -7.10
C TRP A 25 1.45 -9.03 -6.79
N ARG A 26 1.06 -10.30 -6.79
CA ARG A 26 1.96 -11.36 -6.32
C ARG A 26 2.89 -11.85 -7.41
N PHE A 27 2.33 -12.26 -8.56
CA PHE A 27 3.08 -12.95 -9.60
C PHE A 27 4.35 -12.20 -10.02
N PRO A 28 4.27 -10.95 -10.50
CA PRO A 28 5.50 -10.29 -10.96
C PRO A 28 6.45 -9.97 -9.82
N TYR A 29 5.91 -9.64 -8.64
CA TYR A 29 6.76 -9.33 -7.50
C TYR A 29 7.61 -10.53 -7.10
N ILE A 30 6.96 -11.67 -6.84
CA ILE A 30 7.74 -12.84 -6.44
C ILE A 30 8.61 -13.34 -7.59
N CYS A 31 8.17 -13.12 -8.83
CA CYS A 31 9.00 -13.51 -9.97
C CYS A 31 10.31 -12.73 -9.99
N TYR A 32 10.22 -11.40 -9.88
CA TYR A 32 11.43 -10.58 -9.82
C TYR A 32 12.24 -10.86 -8.56
N GLN A 33 11.58 -11.26 -7.48
CA GLN A 33 12.30 -11.56 -6.25
C GLN A 33 13.13 -12.83 -6.39
N ASN A 34 12.55 -13.88 -6.98
CA ASN A 34 13.24 -15.15 -7.13
C ASN A 34 14.16 -15.20 -8.35
N GLY A 35 14.08 -14.22 -9.24
CA GLY A 35 15.06 -14.16 -10.30
C GLY A 35 14.56 -13.69 -11.65
N GLY A 36 13.25 -13.64 -11.83
CA GLY A 36 12.71 -13.12 -13.08
C GLY A 36 12.56 -14.17 -14.17
N GLY A 37 13.56 -14.24 -15.05
CA GLY A 37 13.49 -15.17 -16.16
C GLY A 37 13.30 -16.62 -15.73
N ALA A 38 13.89 -16.99 -14.59
CA ALA A 38 13.72 -18.35 -14.09
C ALA A 38 12.43 -18.49 -13.30
N PHE A 39 11.33 -17.99 -13.87
CA PHE A 39 10.01 -18.17 -13.26
C PHE A 39 8.93 -18.57 -14.24
N LEU A 40 9.08 -18.32 -15.54
CA LEU A 40 8.02 -18.59 -16.50
C LEU A 40 8.19 -19.92 -17.23
N LEU A 41 9.43 -20.40 -17.38
CA LEU A 41 9.61 -21.70 -18.02
C LEU A 41 9.06 -22.85 -17.19
N PRO A 42 9.40 -23.01 -15.89
CA PRO A 42 8.73 -24.02 -15.05
C PRO A 42 7.45 -23.48 -14.41
N TYR A 43 6.63 -22.82 -15.22
CA TYR A 43 5.40 -22.19 -14.73
C TYR A 43 4.16 -22.74 -15.39
N THR A 44 4.16 -22.88 -16.72
CA THR A 44 2.93 -23.26 -17.43
C THR A 44 2.52 -24.70 -17.12
N ILE A 45 3.48 -25.61 -17.02
CA ILE A 45 3.15 -27.01 -16.75
C ILE A 45 2.60 -27.16 -15.34
N MET A 46 3.21 -26.48 -14.36
CA MET A 46 2.68 -26.51 -13.00
C MET A 46 1.32 -25.83 -12.93
N ALA A 47 1.14 -24.73 -13.66
CA ALA A 47 -0.16 -24.06 -13.70
C ALA A 47 -1.23 -25.01 -14.20
N ILE A 48 -0.95 -25.72 -15.30
CA ILE A 48 -1.90 -26.71 -15.81
C ILE A 48 -2.19 -27.75 -14.76
N PHE A 49 -1.16 -28.47 -14.32
CA PHE A 49 -1.34 -29.60 -13.42
C PHE A 49 -1.96 -29.21 -12.08
N GLY A 50 -1.89 -27.94 -11.70
CA GLY A 50 -2.45 -27.52 -10.44
C GLY A 50 -3.83 -26.91 -10.54
N GLY A 51 -4.11 -26.20 -11.63
CA GLY A 51 -5.38 -25.50 -11.75
C GLY A 51 -6.41 -26.20 -12.61
N ILE A 52 -5.98 -26.76 -13.76
CA ILE A 52 -6.95 -27.36 -14.68
C ILE A 52 -7.79 -28.44 -14.01
N PRO A 53 -7.22 -29.40 -13.27
CA PRO A 53 -8.10 -30.33 -12.53
C PRO A 53 -8.91 -29.64 -11.44
N LEU A 54 -8.26 -28.82 -10.60
CA LEU A 54 -8.96 -28.16 -9.51
C LEU A 54 -10.04 -27.21 -10.01
N PHE A 55 -9.95 -26.73 -11.24
CA PHE A 55 -10.99 -25.90 -11.83
C PHE A 55 -12.09 -26.75 -12.45
N TYR A 56 -11.71 -27.72 -13.30
CA TYR A 56 -12.68 -28.48 -14.07
C TYR A 56 -13.53 -29.38 -13.16
N MET A 57 -12.88 -30.12 -12.25
CA MET A 57 -13.62 -31.00 -11.36
C MET A 57 -14.55 -30.21 -10.45
N GLU A 58 -14.09 -29.07 -9.94
CA GLU A 58 -14.93 -28.26 -9.07
C GLU A 58 -16.12 -27.68 -9.83
N LEU A 59 -15.89 -27.19 -11.05
CA LEU A 59 -16.99 -26.66 -11.85
C LEU A 59 -17.98 -27.75 -12.20
N ALA A 60 -17.50 -28.96 -12.50
CA ALA A 60 -18.39 -30.07 -12.80
C ALA A 60 -19.22 -30.47 -11.59
N LEU A 61 -18.59 -30.57 -10.42
CA LEU A 61 -19.34 -30.87 -9.21
C LEU A 61 -20.39 -29.80 -8.92
N GLY A 62 -20.04 -28.52 -9.11
CA GLY A 62 -21.00 -27.46 -8.88
C GLY A 62 -22.18 -27.53 -9.83
N GLN A 63 -21.91 -27.68 -11.13
CA GLN A 63 -23.00 -27.76 -12.10
C GLN A 63 -23.81 -29.04 -11.96
N TYR A 64 -23.26 -30.08 -11.35
CA TYR A 64 -24.01 -31.31 -11.16
C TYR A 64 -24.89 -31.24 -9.92
N HIS A 65 -24.40 -30.63 -8.84
CA HIS A 65 -25.15 -30.58 -7.59
C HIS A 65 -26.09 -29.38 -7.51
N ARG A 66 -25.57 -28.16 -7.70
CA ARG A 66 -26.37 -26.94 -7.68
C ARG A 66 -27.09 -26.75 -6.35
N ASN A 67 -26.34 -26.88 -5.25
CA ASN A 67 -26.86 -26.66 -3.91
C ASN A 67 -25.86 -25.90 -3.05
N GLY A 68 -25.19 -24.92 -3.64
CA GLY A 68 -24.25 -24.09 -2.89
C GLY A 68 -22.88 -24.71 -2.76
N CYS A 69 -22.15 -24.23 -1.76
CA CYS A 69 -20.79 -24.69 -1.48
C CYS A 69 -20.63 -25.35 -0.13
N ILE A 70 -21.46 -25.02 0.86
CA ILE A 70 -21.38 -25.66 2.16
C ILE A 70 -22.29 -26.89 2.23
N SER A 71 -23.50 -26.79 1.70
CA SER A 71 -24.45 -27.90 1.71
C SER A 71 -24.22 -28.88 0.56
N ILE A 72 -23.30 -28.59 -0.35
CA ILE A 72 -23.04 -29.50 -1.46
C ILE A 72 -22.38 -30.78 -0.97
N TRP A 73 -21.59 -30.70 0.10
CA TRP A 73 -20.86 -31.86 0.58
C TRP A 73 -21.75 -32.87 1.28
N ARG A 74 -22.99 -32.51 1.61
CA ARG A 74 -23.90 -33.46 2.23
C ARG A 74 -24.20 -34.65 1.32
N LYS A 75 -24.10 -34.46 0.01
CA LYS A 75 -24.36 -35.51 -0.97
C LYS A 75 -23.10 -36.18 -1.48
N ILE A 76 -21.93 -35.84 -0.93
CA ILE A 76 -20.69 -36.47 -1.34
C ILE A 76 -20.02 -37.12 -0.13
N CYS A 77 -19.67 -36.31 0.87
CA CYS A 77 -19.00 -36.80 2.07
C CYS A 77 -19.37 -35.88 3.22
N PRO A 78 -20.41 -36.24 3.99
CA PRO A 78 -20.81 -35.38 5.11
C PRO A 78 -19.80 -35.31 6.24
N ILE A 79 -18.76 -36.15 6.22
CA ILE A 79 -17.73 -36.09 7.25
C ILE A 79 -16.85 -34.86 7.04
N PHE A 80 -16.61 -34.49 5.79
CA PHE A 80 -15.77 -33.34 5.44
C PHE A 80 -16.55 -32.04 5.33
N LYS A 81 -17.67 -31.91 6.04
CA LYS A 81 -18.48 -30.71 5.97
C LYS A 81 -17.77 -29.48 6.54
N GLY A 82 -16.75 -29.69 7.38
CA GLY A 82 -16.00 -28.57 7.93
C GLY A 82 -15.24 -27.77 6.89
N ILE A 83 -15.09 -28.31 5.68
CA ILE A 83 -14.43 -27.57 4.61
C ILE A 83 -15.21 -26.32 4.23
N GLY A 84 -16.53 -26.31 4.46
CA GLY A 84 -17.30 -25.11 4.22
C GLY A 84 -16.91 -23.98 5.16
N TYR A 85 -16.82 -24.28 6.45
CA TYR A 85 -16.36 -23.28 7.41
C TYR A 85 -14.91 -22.90 7.16
N ALA A 86 -14.09 -23.85 6.70
CA ALA A 86 -12.70 -23.53 6.34
C ALA A 86 -12.66 -22.52 5.19
N ILE A 87 -13.44 -22.76 4.15
CA ILE A 87 -13.52 -21.83 3.02
C ILE A 87 -14.05 -20.48 3.48
N CYS A 88 -15.02 -20.49 4.40
CA CYS A 88 -15.56 -19.24 4.92
C CYS A 88 -14.48 -18.42 5.63
N ILE A 89 -13.74 -19.07 6.53
CA ILE A 89 -12.70 -18.37 7.29
C ILE A 89 -11.60 -17.88 6.36
N ILE A 90 -11.24 -18.70 5.36
CA ILE A 90 -10.17 -18.32 4.44
C ILE A 90 -10.61 -17.13 3.58
N ALA A 91 -11.87 -17.12 3.14
CA ALA A 91 -12.36 -15.98 2.37
C ALA A 91 -12.44 -14.73 3.24
N PHE A 92 -12.80 -14.88 4.51
CA PHE A 92 -12.81 -13.73 5.41
C PHE A 92 -11.40 -13.16 5.59
N TYR A 93 -10.41 -14.03 5.79
CA TYR A 93 -9.03 -13.56 5.90
C TYR A 93 -8.56 -12.89 4.62
N ILE A 94 -8.94 -13.46 3.47
CA ILE A 94 -8.55 -12.89 2.19
C ILE A 94 -9.15 -11.50 2.02
N ALA A 95 -10.42 -11.34 2.41
CA ALA A 95 -11.06 -10.03 2.31
C ALA A 95 -10.43 -9.03 3.28
N SER A 96 -10.10 -9.48 4.49
CA SER A 96 -9.45 -8.60 5.46
C SER A 96 -8.10 -8.12 4.94
N TYR A 97 -7.36 -9.00 4.26
CA TYR A 97 -6.07 -8.62 3.70
C TYR A 97 -6.22 -7.79 2.43
N TYR A 98 -7.33 -7.96 1.70
CA TYR A 98 -7.51 -7.38 0.38
C TYR A 98 -8.10 -5.96 0.46
N ASN A 99 -8.92 -5.70 1.48
CA ASN A 99 -9.54 -4.39 1.60
C ASN A 99 -8.52 -3.29 1.90
N THR A 100 -7.44 -3.62 2.62
CA THR A 100 -6.41 -2.62 2.88
C THR A 100 -5.72 -2.22 1.58
N ILE A 101 -5.42 -3.18 0.70
CA ILE A 101 -4.83 -2.87 -0.58
C ILE A 101 -5.81 -2.09 -1.45
N MET A 102 -7.10 -2.44 -1.39
CA MET A 102 -8.11 -1.68 -2.13
C MET A 102 -8.16 -0.23 -1.65
N ALA A 103 -8.09 -0.02 -0.34
CA ALA A 103 -8.09 1.33 0.19
C ALA A 103 -6.84 2.10 -0.22
N TRP A 104 -5.69 1.43 -0.23
CA TRP A 104 -4.46 2.07 -0.71
C TRP A 104 -4.63 2.52 -2.16
N ALA A 105 -5.17 1.64 -3.00
CA ALA A 105 -5.33 1.96 -4.41
C ALA A 105 -6.30 3.12 -4.60
N LEU A 106 -7.42 3.12 -3.86
CA LEU A 106 -8.39 4.20 -4.02
C LEU A 106 -7.85 5.52 -3.48
N TYR A 107 -7.07 5.49 -2.40
CA TYR A 107 -6.45 6.70 -1.90
C TYR A 107 -5.42 7.24 -2.90
N TYR A 108 -4.68 6.34 -3.55
CA TYR A 108 -3.76 6.79 -4.60
C TYR A 108 -4.52 7.42 -5.76
N LEU A 109 -5.66 6.82 -6.14
CA LEU A 109 -6.48 7.39 -7.20
C LEU A 109 -6.98 8.78 -6.82
N ILE A 110 -7.36 8.96 -5.55
CA ILE A 110 -7.83 10.27 -5.11
C ILE A 110 -6.69 11.28 -5.11
N SER A 111 -5.52 10.89 -4.61
CA SER A 111 -4.37 11.79 -4.55
C SER A 111 -3.71 12.03 -5.89
N SER A 112 -4.10 11.29 -6.93
CA SER A 112 -3.55 11.47 -8.27
C SER A 112 -4.41 12.39 -9.13
N PHE A 113 -5.10 13.35 -8.51
CA PHE A 113 -5.97 14.28 -9.23
C PHE A 113 -5.32 15.62 -9.51
N THR A 114 -4.37 16.05 -8.69
CA THR A 114 -3.74 17.35 -8.88
C THR A 114 -2.85 17.34 -10.12
N ASP A 115 -2.64 18.53 -10.68
CA ASP A 115 -1.77 18.66 -11.85
C ASP A 115 -0.32 18.33 -11.51
N GLN A 116 0.11 18.66 -10.30
CA GLN A 116 1.45 18.34 -9.82
C GLN A 116 1.34 17.13 -8.92
N LEU A 117 1.47 15.94 -9.51
CA LEU A 117 1.37 14.71 -8.74
C LEU A 117 2.52 14.62 -7.74
N PRO A 118 2.26 14.10 -6.53
CA PRO A 118 3.31 13.97 -5.51
C PRO A 118 4.23 12.77 -5.72
N TRP A 119 4.70 12.60 -6.95
CA TRP A 119 5.62 11.51 -7.28
C TRP A 119 6.81 12.02 -8.10
N THR A 120 6.64 13.16 -8.75
CA THR A 120 7.76 13.76 -9.48
C THR A 120 8.77 14.39 -8.52
N SER A 121 8.32 14.85 -7.36
CA SER A 121 9.20 15.49 -6.39
C SER A 121 8.60 15.36 -5.00
N CYS A 122 9.45 15.13 -4.02
CA CYS A 122 8.99 15.03 -2.64
C CYS A 122 8.56 16.40 -2.12
N LYS A 123 7.39 16.44 -1.48
CA LYS A 123 6.81 17.68 -1.01
C LYS A 123 7.25 17.96 0.43
N ASN A 124 6.57 18.89 1.08
CA ASN A 124 6.92 19.36 2.42
C ASN A 124 6.45 18.40 3.53
N SER A 125 6.10 17.17 3.18
CA SER A 125 5.62 16.21 4.17
C SER A 125 6.47 14.93 4.21
N TRP A 126 7.65 14.93 3.59
CA TRP A 126 8.49 13.74 3.57
C TRP A 126 9.95 14.15 3.72
N ASN A 127 10.79 13.17 4.07
CA ASN A 127 12.19 13.41 4.36
C ASN A 127 12.93 13.74 3.07
N THR A 128 13.19 15.03 2.84
CA THR A 128 13.92 15.47 1.67
C THR A 128 15.38 15.05 1.70
N GLY A 129 15.92 14.68 2.85
CA GLY A 129 17.27 14.17 2.94
C GLY A 129 17.38 12.80 2.31
N ASN A 130 16.50 11.89 2.72
CA ASN A 130 16.44 10.58 2.08
C ASN A 130 15.97 10.69 0.63
N CYS A 131 15.12 11.67 0.35
CA CYS A 131 14.60 11.89 -0.99
C CYS A 131 15.69 12.46 -1.90
N THR A 132 16.30 11.61 -2.73
CA THR A 132 17.35 12.03 -3.63
C THR A 132 17.24 11.49 -5.04
N ASN A 133 16.32 10.58 -5.32
CA ASN A 133 16.22 9.97 -6.65
C ASN A 133 15.63 10.95 -7.65
N TYR A 134 16.51 11.64 -8.38
CA TYR A 134 16.09 12.57 -9.44
C TYR A 134 17.06 12.41 -10.60
N PHE A 135 16.54 12.10 -11.78
CA PHE A 135 17.38 11.77 -12.92
C PHE A 135 18.03 13.02 -13.51
N SER A 136 19.21 13.38 -12.99
CA SER A 136 19.99 14.50 -13.48
C SER A 136 21.28 13.97 -14.13
N GLU A 137 22.15 14.90 -14.52
CA GLU A 137 23.41 14.56 -15.18
C GLU A 137 24.53 14.63 -14.15
N ASP A 138 24.93 13.45 -13.65
CA ASP A 138 26.03 13.32 -12.69
C ASP A 138 25.74 14.13 -11.43
N ASN A 139 24.55 13.93 -10.86
CA ASN A 139 24.14 14.60 -9.63
C ASN A 139 23.72 13.64 -8.53
N ILE A 140 23.71 12.34 -8.79
CA ILE A 140 23.26 11.34 -7.83
C ILE A 140 24.47 10.61 -7.28
N THR A 141 24.51 10.45 -5.96
CA THR A 141 25.56 9.69 -5.27
C THR A 141 24.87 8.70 -4.33
N TRP A 142 24.62 7.49 -4.84
CA TRP A 142 23.89 6.49 -4.05
C TRP A 142 24.73 6.01 -2.88
N THR A 143 24.07 5.82 -1.74
CA THR A 143 24.70 5.36 -0.52
C THR A 143 23.95 4.14 0.02
N LEU A 144 24.34 3.70 1.22
CA LEU A 144 23.72 2.53 1.83
C LEU A 144 22.31 2.81 2.35
N HIS A 145 21.88 4.07 2.37
CA HIS A 145 20.56 4.44 2.86
C HIS A 145 19.88 5.39 1.89
N SER A 146 19.97 5.10 0.59
CA SER A 146 19.33 5.92 -0.43
C SER A 146 17.91 5.44 -0.68
N THR A 147 16.99 6.39 -0.73
CA THR A 147 15.56 6.11 -0.93
C THR A 147 15.08 6.80 -2.21
N SER A 148 13.77 6.74 -2.43
CA SER A 148 13.12 7.31 -3.59
C SER A 148 11.91 8.12 -3.16
N PRO A 149 11.52 9.14 -3.94
CA PRO A 149 10.29 9.87 -3.62
C PRO A 149 9.06 8.98 -3.54
N ALA A 150 8.93 8.03 -4.47
CA ALA A 150 7.80 7.10 -4.42
C ALA A 150 7.89 6.20 -3.19
N GLU A 151 9.10 5.79 -2.82
CA GLU A 151 9.27 4.99 -1.60
C GLU A 151 8.84 5.76 -0.37
N GLU A 152 9.23 7.04 -0.27
CA GLU A 152 8.82 7.86 0.86
C GLU A 152 7.31 8.09 0.85
N PHE A 153 6.72 8.25 -0.35
CA PHE A 153 5.29 8.43 -0.45
C PHE A 153 4.54 7.20 0.02
N TYR A 154 5.07 6.01 -0.30
CA TYR A 154 4.41 4.78 0.16
C TYR A 154 4.65 4.53 1.65
N THR A 155 5.78 5.00 2.18
CA THR A 155 6.15 4.67 3.55
C THR A 155 5.55 5.63 4.57
N ARG A 156 5.70 6.93 4.39
CA ARG A 156 5.37 7.91 5.41
C ARG A 156 4.11 8.71 5.12
N HIS A 157 3.32 8.31 4.12
CA HIS A 157 2.09 9.01 3.80
C HIS A 157 0.85 8.15 4.01
N VAL A 158 0.80 6.97 3.41
CA VAL A 158 -0.39 6.11 3.50
C VAL A 158 -0.26 5.07 4.59
N LEU A 159 0.94 4.49 4.75
CA LEU A 159 1.12 3.46 5.77
C LEU A 159 1.62 4.04 7.08
N GLN A 160 2.54 5.01 7.02
CA GLN A 160 3.10 5.65 8.21
C GLN A 160 3.73 4.63 9.15
N ILE A 161 4.56 3.75 8.58
CA ILE A 161 5.22 2.72 9.38
C ILE A 161 6.29 3.33 10.29
N HIS A 162 6.70 4.58 10.02
CA HIS A 162 7.69 5.24 10.87
C HIS A 162 7.22 5.39 12.31
N ARG A 163 5.92 5.28 12.56
CA ARG A 163 5.38 5.33 13.92
C ARG A 163 5.25 3.96 14.56
N SER A 164 5.40 2.88 13.78
CA SER A 164 5.28 1.52 14.29
C SER A 164 6.64 0.85 14.25
N LYS A 165 7.12 0.39 15.40
CA LYS A 165 8.42 -0.24 15.52
C LYS A 165 8.38 -1.75 15.28
N GLY A 166 7.23 -2.29 14.90
CA GLY A 166 7.11 -3.71 14.65
C GLY A 166 5.72 -4.20 15.02
N LEU A 167 5.57 -5.52 15.01
CA LEU A 167 4.30 -6.12 15.37
C LEU A 167 4.01 -5.99 16.85
N GLN A 168 5.04 -5.95 17.69
CA GLN A 168 4.86 -5.81 19.13
C GLN A 168 4.45 -4.41 19.54
N ASP A 169 4.57 -3.43 18.65
CA ASP A 169 4.23 -2.04 18.94
C ASP A 169 3.01 -1.64 18.13
N LEU A 170 2.06 -0.96 18.77
CA LEU A 170 0.86 -0.50 18.09
C LEU A 170 1.18 0.67 17.17
N GLY A 171 0.16 1.13 16.45
CA GLY A 171 0.31 2.23 15.52
C GLY A 171 -0.78 3.28 15.72
N GLY A 172 -0.60 4.40 15.03
CA GLY A 172 -1.54 5.50 15.13
C GLY A 172 -2.78 5.30 14.26
N ILE A 173 -3.75 6.18 14.46
CA ILE A 173 -5.00 6.11 13.72
C ILE A 173 -4.79 6.62 12.29
N SER A 174 -5.60 6.13 11.37
CA SER A 174 -5.57 6.55 9.97
C SER A 174 -7.02 6.85 9.55
N TRP A 175 -7.44 8.10 9.76
CA TRP A 175 -8.81 8.47 9.42
C TRP A 175 -9.05 8.46 7.92
N GLN A 176 -8.04 8.80 7.12
CA GLN A 176 -8.19 8.76 5.67
C GLN A 176 -8.42 7.33 5.18
N LEU A 177 -7.61 6.39 5.66
CA LEU A 177 -7.80 4.99 5.29
C LEU A 177 -9.12 4.45 5.85
N ALA A 178 -9.54 4.92 7.02
CA ALA A 178 -10.83 4.50 7.57
C ALA A 178 -11.98 4.95 6.68
N LEU A 179 -11.95 6.21 6.24
CA LEU A 179 -12.99 6.71 5.35
C LEU A 179 -12.95 6.00 4.00
N CYS A 180 -11.75 5.70 3.50
CA CYS A 180 -11.64 4.96 2.25
C CYS A 180 -12.24 3.57 2.38
N ILE A 181 -11.97 2.89 3.49
CA ILE A 181 -12.54 1.57 3.72
C ILE A 181 -14.05 1.65 3.85
N MET A 182 -14.54 2.69 4.53
CA MET A 182 -15.98 2.89 4.64
C MET A 182 -16.63 3.04 3.27
N LEU A 183 -16.03 3.87 2.41
CA LEU A 183 -16.59 4.07 1.07
C LEU A 183 -16.54 2.79 0.25
N ILE A 184 -15.43 2.05 0.32
CA ILE A 184 -15.30 0.82 -0.45
C ILE A 184 -16.32 -0.21 0.01
N PHE A 185 -16.49 -0.34 1.33
CA PHE A 185 -17.47 -1.30 1.84
C PHE A 185 -18.89 -0.86 1.51
N THR A 186 -19.17 0.43 1.51
CA THR A 186 -20.49 0.90 1.09
C THR A 186 -20.76 0.55 -0.36
N VAL A 187 -19.77 0.74 -1.23
CA VAL A 187 -19.93 0.38 -2.64
C VAL A 187 -20.16 -1.13 -2.79
N ILE A 188 -19.37 -1.93 -2.06
CA ILE A 188 -19.51 -3.38 -2.14
C ILE A 188 -20.89 -3.81 -1.67
N TYR A 189 -21.38 -3.21 -0.58
CA TYR A 189 -22.71 -3.56 -0.07
C TYR A 189 -23.80 -3.15 -1.04
N PHE A 190 -23.70 -1.95 -1.62
CA PHE A 190 -24.70 -1.51 -2.59
C PHE A 190 -24.67 -2.34 -3.87
N SER A 191 -23.53 -2.97 -4.17
CA SER A 191 -23.44 -3.82 -5.35
C SER A 191 -23.86 -5.27 -5.07
N ILE A 192 -23.76 -5.72 -3.83
CA ILE A 192 -24.05 -7.11 -3.48
C ILE A 192 -25.40 -7.28 -2.79
N TRP A 193 -26.09 -6.19 -2.46
CA TRP A 193 -27.33 -6.29 -1.70
C TRP A 193 -28.44 -6.95 -2.51
N LYS A 194 -28.60 -6.54 -3.78
CA LYS A 194 -29.73 -7.01 -4.57
C LYS A 194 -29.65 -8.51 -4.83
N GLY A 195 -28.62 -8.96 -5.53
CA GLY A 195 -28.46 -10.38 -5.79
C GLY A 195 -27.72 -10.62 -7.08
N VAL A 196 -28.01 -11.79 -7.68
CA VAL A 196 -27.31 -12.24 -8.87
C VAL A 196 -27.56 -11.30 -10.05
N LYS A 197 -28.72 -10.64 -10.07
CA LYS A 197 -29.01 -9.68 -11.13
C LYS A 197 -27.97 -8.57 -11.16
N THR A 198 -27.83 -7.85 -10.04
CA THR A 198 -26.80 -6.81 -9.96
C THR A 198 -25.39 -7.40 -10.03
N SER A 199 -25.21 -8.64 -9.57
CA SER A 199 -23.92 -9.32 -9.73
C SER A 199 -23.50 -9.35 -11.19
N GLY A 200 -24.37 -9.85 -12.05
CA GLY A 200 -24.07 -9.88 -13.48
C GLY A 200 -24.09 -8.50 -14.12
N LYS A 201 -24.82 -7.56 -13.52
CA LYS A 201 -24.94 -6.22 -14.09
C LYS A 201 -23.74 -5.34 -13.81
N VAL A 202 -23.00 -5.58 -12.73
CA VAL A 202 -21.88 -4.72 -12.36
C VAL A 202 -20.59 -5.26 -12.95
N VAL A 203 -20.54 -6.58 -13.20
CA VAL A 203 -19.30 -7.20 -13.65
C VAL A 203 -19.04 -6.87 -15.11
N TRP A 204 -20.07 -6.92 -15.95
CA TRP A 204 -19.88 -6.74 -17.39
C TRP A 204 -19.44 -5.33 -17.75
N VAL A 205 -19.68 -4.34 -16.88
CA VAL A 205 -19.27 -2.97 -17.18
C VAL A 205 -17.86 -2.67 -16.66
N THR A 206 -17.35 -3.43 -15.70
CA THR A 206 -15.98 -3.28 -15.21
C THR A 206 -15.09 -4.45 -15.63
N ALA A 207 -15.38 -5.07 -16.77
CA ALA A 207 -14.63 -6.23 -17.23
C ALA A 207 -13.67 -5.91 -18.37
N THR A 208 -14.10 -5.13 -19.36
CA THR A 208 -13.23 -4.76 -20.47
C THR A 208 -12.34 -3.56 -20.15
N PHE A 209 -12.68 -2.79 -19.12
CA PHE A 209 -11.84 -1.67 -18.72
C PHE A 209 -10.46 -2.09 -18.26
N PRO A 210 -10.29 -3.10 -17.38
CA PRO A 210 -8.93 -3.52 -17.05
C PRO A 210 -8.16 -4.04 -18.25
N TYR A 211 -8.82 -4.74 -19.17
CA TYR A 211 -8.13 -5.24 -20.36
C TYR A 211 -7.65 -4.09 -21.24
N ILE A 212 -8.50 -3.09 -21.48
CA ILE A 212 -8.08 -1.98 -22.33
C ILE A 212 -7.00 -1.15 -21.64
N ILE A 213 -7.06 -1.03 -20.32
CA ILE A 213 -6.01 -0.31 -19.60
C ILE A 213 -4.69 -1.05 -19.69
N LEU A 214 -4.73 -2.38 -19.54
CA LEU A 214 -3.51 -3.17 -19.69
C LEU A 214 -2.94 -3.02 -21.09
N SER A 215 -3.80 -3.03 -22.11
CA SER A 215 -3.31 -2.93 -23.49
C SER A 215 -2.70 -1.56 -23.76
N VAL A 216 -3.32 -0.48 -23.26
CA VAL A 216 -2.77 0.84 -23.52
C VAL A 216 -1.47 1.05 -22.73
N LEU A 217 -1.40 0.51 -21.52
CA LEU A 217 -0.14 0.59 -20.77
C LEU A 217 0.96 -0.21 -21.46
N LEU A 218 0.62 -1.36 -22.04
CA LEU A 218 1.63 -2.14 -22.76
C LEU A 218 2.10 -1.42 -24.02
N VAL A 219 1.17 -0.84 -24.78
CA VAL A 219 1.57 -0.13 -25.99
C VAL A 219 2.30 1.17 -25.67
N ARG A 220 2.10 1.73 -24.47
CA ARG A 220 2.88 2.88 -24.05
C ARG A 220 4.28 2.48 -23.62
N GLY A 221 4.40 1.42 -22.82
CA GLY A 221 5.69 0.94 -22.39
C GLY A 221 6.53 0.34 -23.50
N ALA A 222 5.90 -0.09 -24.59
CA ALA A 222 6.64 -0.62 -25.73
C ALA A 222 7.29 0.49 -26.56
N THR A 223 7.16 1.75 -26.16
CA THR A 223 7.74 2.88 -26.88
C THR A 223 8.86 3.57 -26.13
N LEU A 224 8.82 3.58 -24.80
CA LEU A 224 9.84 4.26 -24.03
C LEU A 224 11.21 3.62 -24.27
N PRO A 225 12.27 4.41 -24.38
CA PRO A 225 13.60 3.84 -24.62
C PRO A 225 14.11 3.12 -23.38
N GLY A 226 14.59 1.90 -23.56
CA GLY A 226 15.09 1.09 -22.48
C GLY A 226 14.27 -0.14 -22.14
N ALA A 227 13.38 -0.58 -23.02
CA ALA A 227 12.52 -1.74 -22.77
C ALA A 227 13.14 -3.04 -23.28
N TRP A 228 14.47 -3.12 -23.36
CA TRP A 228 15.16 -4.31 -23.83
C TRP A 228 15.77 -5.12 -22.70
N ARG A 229 16.44 -4.46 -21.76
CA ARG A 229 17.03 -5.17 -20.62
C ARG A 229 15.93 -5.83 -19.78
N GLY A 230 14.77 -5.18 -19.68
CA GLY A 230 13.68 -5.78 -18.93
C GLY A 230 13.22 -7.10 -19.50
N VAL A 231 12.96 -7.13 -20.82
CA VAL A 231 12.49 -8.37 -21.42
C VAL A 231 13.60 -9.40 -21.49
N LEU A 232 14.86 -8.97 -21.60
CA LEU A 232 15.96 -9.93 -21.57
C LEU A 232 16.08 -10.58 -20.20
N PHE A 233 15.91 -9.80 -19.13
CA PHE A 233 15.91 -10.38 -17.79
C PHE A 233 14.67 -11.23 -17.54
N TYR A 234 13.56 -10.90 -18.22
CA TYR A 234 12.32 -11.66 -18.09
C TYR A 234 12.34 -12.94 -18.89
N LEU A 235 13.25 -13.07 -19.86
CA LEU A 235 13.26 -14.25 -20.72
C LEU A 235 14.61 -14.96 -20.69
N LYS A 236 15.15 -15.17 -19.49
CA LYS A 236 16.40 -15.91 -19.34
C LYS A 236 16.11 -17.30 -18.78
N PRO A 237 16.66 -18.36 -19.38
CA PRO A 237 16.36 -19.72 -18.92
C PRO A 237 16.74 -19.97 -17.46
N ASN A 238 18.03 -19.81 -17.13
CA ASN A 238 18.55 -19.96 -15.78
C ASN A 238 18.14 -21.31 -15.18
N TRP A 239 18.69 -22.37 -15.77
CA TRP A 239 18.43 -23.74 -15.33
C TRP A 239 19.29 -24.16 -14.14
N GLN A 240 19.83 -23.19 -13.37
CA GLN A 240 20.81 -23.54 -12.35
C GLN A 240 20.15 -23.93 -11.03
N LYS A 241 19.14 -23.19 -10.58
CA LYS A 241 18.63 -23.31 -9.22
C LYS A 241 17.13 -23.59 -9.20
N LEU A 242 16.67 -24.48 -10.09
CA LEU A 242 15.27 -24.87 -10.12
C LEU A 242 15.05 -26.33 -9.73
N LEU A 243 16.11 -27.06 -9.39
CA LEU A 243 15.96 -28.50 -9.11
C LEU A 243 15.45 -28.74 -7.69
N GLU A 244 16.20 -28.30 -6.68
CA GLU A 244 15.86 -28.54 -5.29
C GLU A 244 15.49 -27.28 -4.53
N THR A 245 16.32 -26.24 -4.59
CA THR A 245 16.08 -24.98 -3.90
C THR A 245 15.30 -23.99 -4.75
N GLY A 246 14.51 -24.47 -5.71
CA GLY A 246 13.80 -23.61 -6.61
C GLY A 246 12.61 -22.90 -5.96
N VAL A 247 11.97 -22.06 -6.76
CA VAL A 247 10.80 -21.31 -6.34
C VAL A 247 9.51 -21.99 -6.82
N TRP A 248 9.58 -23.29 -7.12
CA TRP A 248 8.44 -24.01 -7.66
C TRP A 248 7.24 -23.99 -6.73
N ILE A 249 7.46 -24.10 -5.42
CA ILE A 249 6.35 -24.13 -4.48
C ILE A 249 5.67 -22.77 -4.41
N ASP A 250 6.44 -21.69 -4.50
CA ASP A 250 5.85 -20.36 -4.51
C ASP A 250 5.11 -20.09 -5.81
N ALA A 251 5.64 -20.59 -6.94
CA ALA A 251 4.92 -20.47 -8.21
C ALA A 251 3.60 -21.22 -8.16
N ALA A 252 3.61 -22.42 -7.55
CA ALA A 252 2.38 -23.19 -7.42
C ALA A 252 1.37 -22.46 -6.55
N ALA A 253 1.82 -21.93 -5.40
CA ALA A 253 0.91 -21.17 -4.54
C ALA A 253 0.36 -19.95 -5.26
N GLN A 254 1.20 -19.28 -6.06
CA GLN A 254 0.76 -18.09 -6.77
C GLN A 254 -0.29 -18.42 -7.83
N ILE A 255 -0.04 -19.46 -8.64
CA ILE A 255 -1.02 -19.81 -9.67
C ILE A 255 -2.30 -20.32 -9.03
N PHE A 256 -2.19 -20.99 -7.88
CA PHE A 256 -3.37 -21.43 -7.15
C PHE A 256 -4.20 -20.23 -6.69
N PHE A 257 -3.54 -19.24 -6.09
CA PHE A 257 -4.26 -18.05 -5.64
C PHE A 257 -4.82 -17.25 -6.81
N SER A 258 -4.15 -17.31 -7.97
CA SER A 258 -4.61 -16.55 -9.13
C SER A 258 -5.85 -17.19 -9.74
N LEU A 259 -5.81 -18.50 -10.03
CA LEU A 259 -6.97 -19.16 -10.61
C LEU A 259 -8.10 -19.29 -9.60
N GLY A 260 -7.77 -19.30 -8.30
CA GLY A 260 -8.75 -19.38 -7.24
C GLY A 260 -9.67 -20.58 -7.28
N PRO A 261 -9.13 -21.80 -7.27
CA PRO A 261 -9.96 -22.98 -7.07
C PRO A 261 -10.04 -23.37 -5.61
N GLY A 262 -11.12 -24.08 -5.26
CA GLY A 262 -11.37 -24.47 -3.90
C GLY A 262 -11.71 -23.33 -2.96
N PHE A 263 -11.72 -22.09 -3.42
CA PHE A 263 -12.11 -20.94 -2.61
C PHE A 263 -13.62 -20.83 -2.42
N GLY A 264 -14.38 -21.81 -2.88
CA GLY A 264 -15.83 -21.78 -2.77
C GLY A 264 -16.54 -20.91 -3.76
N VAL A 265 -15.85 -19.92 -4.35
CA VAL A 265 -16.51 -19.00 -5.27
C VAL A 265 -16.85 -19.69 -6.59
N LEU A 266 -15.93 -20.50 -7.12
CA LEU A 266 -16.21 -21.22 -8.36
C LEU A 266 -17.30 -22.26 -8.15
N LEU A 267 -17.27 -22.96 -7.03
CA LEU A 267 -18.32 -23.93 -6.72
C LEU A 267 -19.67 -23.24 -6.57
N ALA A 268 -19.70 -22.08 -5.91
CA ALA A 268 -20.95 -21.35 -5.74
C ALA A 268 -21.48 -20.83 -7.06
N PHE A 269 -20.57 -20.42 -7.97
CA PHE A 269 -21.01 -19.93 -9.28
C PHE A 269 -21.54 -21.07 -10.14
N ALA A 270 -20.89 -22.23 -10.07
CA ALA A 270 -21.40 -23.39 -10.81
C ALA A 270 -22.65 -23.98 -10.17
N SER A 271 -22.92 -23.65 -8.91
CA SER A 271 -24.08 -24.15 -8.19
C SER A 271 -25.37 -23.43 -8.56
N TYR A 272 -25.40 -22.68 -9.66
CA TYR A 272 -26.59 -21.93 -10.07
C TYR A 272 -27.33 -22.62 -11.21
N ASN A 273 -26.64 -22.88 -12.31
CA ASN A 273 -27.25 -23.49 -13.48
C ASN A 273 -26.52 -24.78 -13.84
N LYS A 274 -27.20 -25.62 -14.63
CA LYS A 274 -26.61 -26.90 -15.01
C LYS A 274 -25.48 -26.71 -16.01
N PHE A 275 -25.64 -25.80 -16.97
CA PHE A 275 -24.58 -25.43 -17.91
C PHE A 275 -24.05 -26.65 -18.67
N ASN A 276 -24.94 -27.25 -19.46
CA ASN A 276 -24.60 -28.47 -20.18
C ASN A 276 -23.69 -28.17 -21.37
N ASN A 277 -22.80 -29.11 -21.67
CA ASN A 277 -21.96 -29.11 -22.87
C ASN A 277 -21.02 -27.90 -22.93
N ASN A 278 -20.73 -27.26 -21.80
CA ASN A 278 -19.85 -26.11 -21.80
C ASN A 278 -18.91 -26.05 -20.60
N CYS A 279 -18.89 -27.06 -19.73
CA CYS A 279 -18.05 -26.99 -18.53
C CYS A 279 -16.57 -27.01 -18.89
N TYR A 280 -16.16 -27.98 -19.71
CA TYR A 280 -14.76 -28.10 -20.08
C TYR A 280 -14.29 -26.87 -20.85
N GLN A 281 -15.11 -26.40 -21.80
CA GLN A 281 -14.75 -25.22 -22.58
C GLN A 281 -14.64 -23.99 -21.68
N ASP A 282 -15.58 -23.82 -20.76
CA ASP A 282 -15.53 -22.68 -19.84
C ASP A 282 -14.26 -22.72 -19.00
N ALA A 283 -13.94 -23.89 -18.42
CA ALA A 283 -12.75 -24.01 -17.59
C ALA A 283 -11.49 -23.70 -18.38
N LEU A 284 -11.36 -24.28 -19.57
CA LEU A 284 -10.16 -24.08 -20.37
C LEU A 284 -10.02 -22.62 -20.80
N VAL A 285 -11.12 -22.00 -21.25
CA VAL A 285 -11.06 -20.62 -21.70
C VAL A 285 -10.72 -19.69 -20.54
N THR A 286 -11.32 -19.91 -19.37
CA THR A 286 -11.04 -19.08 -18.21
C THR A 286 -9.59 -19.21 -17.79
N SER A 287 -9.07 -20.44 -17.72
CA SER A 287 -7.69 -20.63 -17.30
C SER A 287 -6.73 -20.03 -18.32
N VAL A 288 -7.01 -20.19 -19.61
CA VAL A 288 -6.13 -19.65 -20.64
C VAL A 288 -6.11 -18.12 -20.60
N VAL A 289 -7.28 -17.49 -20.46
CA VAL A 289 -7.31 -16.04 -20.43
C VAL A 289 -6.68 -15.50 -19.15
N ASN A 290 -6.81 -16.23 -18.04
CA ASN A 290 -6.16 -15.79 -16.80
C ASN A 290 -4.64 -15.90 -16.92
N CYS A 291 -4.15 -17.00 -17.49
CA CYS A 291 -2.72 -17.16 -17.70
C CYS A 291 -2.17 -16.09 -18.64
N MET A 292 -2.92 -15.77 -19.70
CA MET A 292 -2.48 -14.74 -20.63
C MET A 292 -2.47 -13.37 -19.97
N THR A 293 -3.46 -13.07 -19.14
CA THR A 293 -3.49 -11.80 -18.43
C THR A 293 -2.32 -11.70 -17.46
N SER A 294 -2.02 -12.78 -16.73
CA SER A 294 -0.88 -12.79 -15.83
C SER A 294 0.43 -12.61 -16.60
N PHE A 295 0.53 -13.25 -17.78
CA PHE A 295 1.74 -13.11 -18.59
C PHE A 295 1.91 -11.67 -19.06
N VAL A 296 0.83 -11.04 -19.51
CA VAL A 296 0.90 -9.65 -19.96
C VAL A 296 1.25 -8.72 -18.79
N SER A 297 0.71 -9.00 -17.61
CA SER A 297 1.03 -8.20 -16.43
C SER A 297 2.51 -8.32 -16.07
N GLY A 298 3.03 -9.55 -16.04
CA GLY A 298 4.45 -9.71 -15.80
C GLY A 298 5.31 -9.06 -16.86
N PHE A 299 4.85 -9.12 -18.12
CA PHE A 299 5.59 -8.50 -19.21
C PHE A 299 5.69 -7.00 -19.03
N VAL A 300 4.56 -6.35 -18.71
CA VAL A 300 4.60 -4.90 -18.54
C VAL A 300 5.36 -4.50 -17.28
N ILE A 301 5.26 -5.32 -16.22
CA ILE A 301 6.05 -5.06 -15.02
C ILE A 301 7.53 -5.07 -15.34
N PHE A 302 8.00 -6.14 -16.01
CA PHE A 302 9.42 -6.23 -16.31
C PHE A 302 9.86 -5.21 -17.34
N THR A 303 8.96 -4.81 -18.25
CA THR A 303 9.29 -3.74 -19.19
C THR A 303 9.53 -2.42 -18.47
N VAL A 304 8.62 -2.06 -17.56
CA VAL A 304 8.78 -0.82 -16.79
C VAL A 304 10.03 -0.90 -15.92
N LEU A 305 10.28 -2.08 -15.33
CA LEU A 305 11.45 -2.23 -14.47
C LEU A 305 12.75 -2.10 -15.27
N GLY A 306 12.78 -2.69 -16.47
CA GLY A 306 13.97 -2.55 -17.31
C GLY A 306 14.17 -1.14 -17.80
N TYR A 307 13.08 -0.44 -18.13
CA TYR A 307 13.19 0.96 -18.52
C TYR A 307 13.76 1.79 -17.37
N MET A 308 13.25 1.58 -16.15
CA MET A 308 13.77 2.30 -14.99
C MET A 308 15.24 1.97 -14.74
N ALA A 309 15.61 0.69 -14.88
CA ALA A 309 16.99 0.29 -14.65
C ALA A 309 17.94 0.89 -15.69
N GLU A 310 17.51 0.94 -16.95
CA GLU A 310 18.34 1.52 -17.99
C GLU A 310 18.44 3.04 -17.84
N MET A 311 17.38 3.68 -17.35
CA MET A 311 17.46 5.11 -17.10
C MET A 311 18.34 5.42 -15.89
N ARG A 312 18.37 4.51 -14.90
CA ARG A 312 19.21 4.67 -13.72
C ARG A 312 20.64 4.23 -13.96
N ASN A 313 20.91 3.51 -15.04
CA ASN A 313 22.24 2.99 -15.36
C ASN A 313 22.74 2.06 -14.25
N GLU A 314 21.94 1.05 -13.96
CA GLU A 314 22.26 0.09 -12.91
C GLU A 314 21.45 -1.18 -13.17
N ASP A 315 21.86 -2.26 -12.51
CA ASP A 315 21.24 -3.56 -12.73
C ASP A 315 19.76 -3.54 -12.32
N VAL A 316 19.01 -4.49 -12.87
CA VAL A 316 17.59 -4.59 -12.57
C VAL A 316 17.35 -5.14 -11.17
N SER A 317 18.32 -5.86 -10.60
CA SER A 317 18.10 -6.56 -9.34
C SER A 317 17.97 -5.61 -8.17
N GLU A 318 18.77 -4.54 -8.13
CA GLU A 318 18.83 -3.70 -6.94
C GLU A 318 17.56 -2.89 -6.73
N VAL A 319 16.76 -2.67 -7.79
CA VAL A 319 15.57 -1.84 -7.68
C VAL A 319 14.55 -2.56 -6.82
N ALA A 320 14.38 -2.10 -5.57
CA ALA A 320 13.37 -2.59 -4.65
C ALA A 320 13.52 -4.10 -4.41
N LYS A 321 14.60 -4.47 -3.73
CA LYS A 321 14.81 -5.85 -3.33
C LYS A 321 14.08 -6.21 -2.05
N ASP A 322 14.00 -5.27 -1.10
CA ASP A 322 13.36 -5.53 0.18
C ASP A 322 11.90 -5.12 0.22
N ALA A 323 11.47 -4.23 -0.68
CA ALA A 323 10.09 -3.76 -0.70
C ALA A 323 9.19 -4.87 -1.23
N GLY A 324 8.38 -5.45 -0.36
CA GLY A 324 7.49 -6.52 -0.73
C GLY A 324 6.26 -6.03 -1.46
N PRO A 325 5.39 -5.29 -0.75
CA PRO A 325 4.21 -4.72 -1.41
C PRO A 325 4.52 -3.40 -2.10
N SER A 326 5.54 -2.70 -1.60
CA SER A 326 5.88 -1.38 -2.11
C SER A 326 6.47 -1.42 -3.51
N LEU A 327 6.85 -2.60 -4.02
CA LEU A 327 7.52 -2.69 -5.32
C LEU A 327 6.68 -2.08 -6.42
N LEU A 328 5.43 -2.54 -6.57
CA LEU A 328 4.55 -2.04 -7.62
C LEU A 328 4.26 -0.55 -7.43
N PHE A 329 3.91 -0.17 -6.19
CA PHE A 329 3.49 1.20 -5.91
C PHE A 329 4.62 2.21 -5.95
N ILE A 330 5.88 1.77 -6.05
CA ILE A 330 6.97 2.68 -6.33
C ILE A 330 7.42 2.61 -7.78
N THR A 331 7.38 1.41 -8.39
CA THR A 331 7.82 1.29 -9.78
C THR A 331 6.88 2.04 -10.71
N TYR A 332 5.58 1.74 -10.63
CA TYR A 332 4.64 2.46 -11.50
C TYR A 332 4.53 3.94 -11.12
N ALA A 333 4.74 4.27 -9.84
CA ALA A 333 4.74 5.67 -9.44
C ALA A 333 5.86 6.43 -10.12
N GLU A 334 7.08 5.89 -10.08
CA GLU A 334 8.20 6.53 -10.76
C GLU A 334 8.02 6.52 -12.27
N ALA A 335 7.36 5.48 -12.81
CA ALA A 335 7.09 5.45 -14.24
C ALA A 335 6.18 6.59 -14.64
N ILE A 336 5.10 6.81 -13.89
CA ILE A 336 4.20 7.93 -14.18
C ILE A 336 4.91 9.26 -13.97
N ALA A 337 5.77 9.35 -12.95
CA ALA A 337 6.48 10.59 -12.69
C ALA A 337 7.47 10.92 -13.81
N ASN A 338 8.07 9.91 -14.42
CA ASN A 338 9.03 10.13 -15.49
C ASN A 338 8.37 10.31 -16.85
N MET A 339 7.22 9.69 -17.08
CA MET A 339 6.56 9.82 -18.38
C MET A 339 5.89 11.20 -18.48
N PRO A 340 6.04 11.88 -19.62
CA PRO A 340 5.44 13.21 -19.78
C PRO A 340 3.93 13.21 -19.92
N ALA A 341 3.27 12.05 -19.82
CA ALA A 341 1.82 11.94 -19.96
C ALA A 341 1.17 11.64 -18.62
N SER A 342 1.67 12.26 -17.55
CA SER A 342 1.16 12.02 -16.22
C SER A 342 -0.22 12.65 -16.04
N THR A 343 -0.78 12.46 -14.85
CA THR A 343 -2.08 12.95 -14.39
C THR A 343 -3.23 12.25 -15.10
N PHE A 344 -2.95 11.39 -16.07
CA PHE A 344 -3.96 10.58 -16.73
C PHE A 344 -3.63 9.09 -16.69
N PHE A 345 -2.37 8.72 -16.92
CA PHE A 345 -1.99 7.32 -16.88
C PHE A 345 -2.11 6.76 -15.47
N ALA A 346 -1.67 7.52 -14.47
CA ALA A 346 -1.84 7.09 -13.08
C ALA A 346 -3.31 6.94 -12.73
N ILE A 347 -4.15 7.87 -13.22
CA ILE A 347 -5.58 7.82 -12.92
C ILE A 347 -6.19 6.55 -13.52
N ILE A 348 -5.89 6.27 -14.79
CA ILE A 348 -6.50 5.11 -15.44
C ILE A 348 -5.95 3.82 -14.85
N PHE A 349 -4.69 3.80 -14.44
CA PHE A 349 -4.13 2.60 -13.83
C PHE A 349 -4.75 2.33 -12.47
N PHE A 350 -4.92 3.39 -11.66
CA PHE A 350 -5.58 3.23 -10.36
C PHE A 350 -7.05 2.84 -10.53
N LEU A 351 -7.72 3.35 -11.58
CA LEU A 351 -9.09 2.94 -11.83
C LEU A 351 -9.18 1.48 -12.25
N MET A 352 -8.22 1.02 -13.05
CA MET A 352 -8.15 -0.40 -13.39
C MET A 352 -7.95 -1.24 -12.14
N LEU A 353 -7.05 -0.82 -11.26
CA LEU A 353 -6.85 -1.52 -10.00
C LEU A 353 -8.13 -1.56 -9.18
N ILE A 354 -8.83 -0.44 -9.10
CA ILE A 354 -10.06 -0.38 -8.30
C ILE A 354 -11.11 -1.32 -8.87
N THR A 355 -11.28 -1.31 -10.19
CA THR A 355 -12.27 -2.20 -10.80
C THR A 355 -11.91 -3.66 -10.59
N LEU A 356 -10.64 -4.02 -10.76
CA LEU A 356 -10.22 -5.41 -10.59
C LEU A 356 -10.40 -5.86 -9.14
N GLY A 357 -9.97 -5.02 -8.20
CA GLY A 357 -10.14 -5.37 -6.80
C GLY A 357 -11.60 -5.48 -6.40
N LEU A 358 -12.45 -4.58 -6.92
CA LEU A 358 -13.88 -4.66 -6.66
C LEU A 358 -14.45 -5.97 -7.18
N ASP A 359 -14.13 -6.32 -8.43
CA ASP A 359 -14.63 -7.58 -8.99
C ASP A 359 -14.17 -8.78 -8.18
N SER A 360 -12.88 -8.78 -7.79
CA SER A 360 -12.33 -9.93 -7.07
C SER A 360 -12.96 -10.09 -5.69
N THR A 361 -12.99 -9.00 -4.91
CA THR A 361 -13.58 -9.09 -3.56
C THR A 361 -15.08 -9.33 -3.64
N PHE A 362 -15.74 -8.87 -4.70
CA PHE A 362 -17.17 -9.10 -4.86
C PHE A 362 -17.44 -10.58 -5.12
N ALA A 363 -16.66 -11.20 -6.01
CA ALA A 363 -16.82 -12.63 -6.24
C ALA A 363 -16.47 -13.43 -4.99
N GLY A 364 -15.42 -13.00 -4.27
CA GLY A 364 -15.03 -13.71 -3.06
C GLY A 364 -16.08 -13.66 -1.98
N LEU A 365 -16.73 -12.51 -1.82
CA LEU A 365 -17.80 -12.38 -0.83
C LEU A 365 -19.08 -13.06 -1.30
N GLU A 366 -19.34 -13.09 -2.61
CA GLU A 366 -20.53 -13.74 -3.13
C GLU A 366 -20.44 -15.26 -2.97
N GLY A 367 -19.27 -15.83 -3.21
CA GLY A 367 -19.08 -17.26 -3.05
C GLY A 367 -19.36 -17.76 -1.65
N VAL A 368 -19.40 -16.86 -0.67
CA VAL A 368 -19.74 -17.21 0.70
C VAL A 368 -21.16 -16.78 1.05
N ILE A 369 -21.60 -15.63 0.54
CA ILE A 369 -22.93 -15.12 0.88
C ILE A 369 -24.02 -15.91 0.18
N THR A 370 -23.71 -16.61 -0.92
CA THR A 370 -24.69 -17.48 -1.55
C THR A 370 -24.53 -18.94 -1.14
N ALA A 371 -23.48 -19.26 -0.39
CA ALA A 371 -23.25 -20.61 0.13
C ALA A 371 -23.75 -20.79 1.55
N VAL A 372 -23.61 -19.75 2.39
CA VAL A 372 -24.09 -19.86 3.77
C VAL A 372 -25.61 -19.82 3.80
N LEU A 373 -26.24 -19.15 2.83
CA LEU A 373 -27.70 -19.07 2.81
C LEU A 373 -28.33 -20.44 2.54
N ASP A 374 -27.64 -21.31 1.79
CA ASP A 374 -28.17 -22.65 1.57
C ASP A 374 -28.10 -23.49 2.83
N GLU A 375 -27.07 -23.28 3.65
CA GLU A 375 -27.01 -23.98 4.94
C GLU A 375 -27.99 -23.41 5.94
N PHE A 376 -28.31 -22.12 5.84
CA PHE A 376 -29.26 -21.45 6.72
C PHE A 376 -30.51 -21.07 5.93
N PRO A 377 -31.48 -21.98 5.80
CA PRO A 377 -32.69 -21.63 5.05
C PRO A 377 -33.56 -20.60 5.74
N HIS A 378 -33.63 -20.62 7.07
CA HIS A 378 -34.40 -19.61 7.79
C HIS A 378 -33.83 -18.22 7.57
N VAL A 379 -32.52 -18.11 7.37
CA VAL A 379 -31.93 -16.82 7.02
C VAL A 379 -32.20 -16.49 5.56
N TRP A 380 -31.92 -17.45 4.66
CA TRP A 380 -32.12 -17.22 3.23
C TRP A 380 -33.55 -16.83 2.89
N ALA A 381 -34.52 -17.21 3.74
CA ALA A 381 -35.92 -16.87 3.48
C ALA A 381 -36.12 -15.36 3.46
N LYS A 382 -35.83 -14.68 4.57
CA LYS A 382 -36.15 -13.26 4.69
C LYS A 382 -34.94 -12.39 5.02
N ARG A 383 -34.01 -12.90 5.82
CA ARG A 383 -32.96 -12.07 6.41
C ARG A 383 -31.68 -12.04 5.57
N ARG A 384 -31.81 -12.16 4.24
CA ARG A 384 -30.63 -12.12 3.38
C ARG A 384 -29.92 -10.76 3.48
N GLU A 385 -30.69 -9.67 3.45
CA GLU A 385 -30.09 -8.35 3.54
C GLU A 385 -29.41 -8.15 4.89
N ARG A 386 -30.04 -8.63 5.97
CA ARG A 386 -29.43 -8.49 7.29
C ARG A 386 -28.16 -9.32 7.40
N PHE A 387 -28.14 -10.51 6.79
CA PHE A 387 -26.93 -11.32 6.83
C PHE A 387 -25.81 -10.69 6.00
N VAL A 388 -26.16 -10.08 4.86
CA VAL A 388 -25.16 -9.35 4.08
C VAL A 388 -24.60 -8.19 4.90
N LEU A 389 -25.48 -7.45 5.58
CA LEU A 389 -25.03 -6.35 6.42
C LEU A 389 -24.11 -6.85 7.53
N ALA A 390 -24.45 -7.98 8.14
CA ALA A 390 -23.64 -8.51 9.24
C ALA A 390 -22.28 -9.00 8.75
N VAL A 391 -22.24 -9.63 7.59
CA VAL A 391 -20.96 -10.12 7.09
C VAL A 391 -20.09 -8.94 6.65
N VAL A 392 -20.69 -7.88 6.12
CA VAL A 392 -19.91 -6.66 5.82
C VAL A 392 -19.39 -6.04 7.12
N ILE A 393 -20.23 -6.02 8.16
CA ILE A 393 -19.82 -5.49 9.45
C ILE A 393 -18.59 -6.25 9.97
N THR A 394 -18.67 -7.57 10.01
CA THR A 394 -17.55 -8.35 10.53
C THR A 394 -16.34 -8.28 9.62
N CYS A 395 -16.55 -8.14 8.31
CA CYS A 395 -15.42 -8.02 7.39
C CYS A 395 -14.63 -6.75 7.65
N PHE A 396 -15.31 -5.60 7.73
CA PHE A 396 -14.57 -4.38 7.97
C PHE A 396 -14.10 -4.27 9.41
N PHE A 397 -14.75 -4.95 10.36
CA PHE A 397 -14.21 -5.04 11.70
C PHE A 397 -12.89 -5.79 11.71
N GLY A 398 -12.80 -6.91 10.98
CA GLY A 398 -11.55 -7.62 10.87
C GLY A 398 -10.48 -6.83 10.12
N SER A 399 -10.90 -6.04 9.13
CA SER A 399 -9.95 -5.20 8.41
C SER A 399 -9.45 -4.05 9.29
N LEU A 400 -10.26 -3.61 10.26
CA LEU A 400 -9.83 -2.53 11.14
C LEU A 400 -8.61 -2.92 11.97
N VAL A 401 -8.40 -4.22 12.19
CA VAL A 401 -7.22 -4.67 12.93
C VAL A 401 -5.95 -4.25 12.21
N THR A 402 -5.93 -4.39 10.88
CA THR A 402 -4.77 -3.95 10.10
C THR A 402 -4.82 -2.45 9.84
N LEU A 403 -6.03 -1.88 9.76
CA LEU A 403 -6.17 -0.45 9.51
C LEU A 403 -5.57 0.36 10.64
N THR A 404 -6.04 0.14 11.86
CA THR A 404 -5.57 0.92 13.01
C THR A 404 -4.09 0.68 13.28
N PHE A 405 -3.60 -0.53 12.97
CA PHE A 405 -2.19 -0.84 13.22
C PHE A 405 -1.25 0.04 12.42
N GLY A 406 -1.67 0.51 11.25
CA GLY A 406 -0.83 1.41 10.46
C GLY A 406 0.46 0.78 9.96
N GLY A 407 0.39 -0.44 9.46
CA GLY A 407 1.57 -1.12 8.96
C GLY A 407 1.25 -2.29 8.06
N ALA A 408 2.11 -2.54 7.08
CA ALA A 408 1.94 -3.65 6.16
C ALA A 408 2.45 -4.98 6.72
N TYR A 409 2.74 -5.03 8.01
CA TYR A 409 3.26 -6.27 8.60
C TYR A 409 2.18 -7.35 8.61
N VAL A 410 1.00 -7.03 9.13
CA VAL A 410 -0.11 -7.97 9.10
C VAL A 410 -0.53 -8.26 7.66
N VAL A 411 -0.37 -7.27 6.77
CA VAL A 411 -0.69 -7.47 5.36
C VAL A 411 0.20 -8.57 4.78
N LYS A 412 1.51 -8.48 5.00
CA LYS A 412 2.41 -9.50 4.49
C LYS A 412 2.19 -10.85 5.19
N LEU A 413 1.86 -10.82 6.48
CA LEU A 413 1.59 -12.04 7.21
C LEU A 413 0.41 -12.78 6.58
N LEU A 414 -0.68 -12.06 6.29
CA LEU A 414 -1.83 -12.67 5.64
C LEU A 414 -1.53 -13.02 4.18
N GLU A 415 -0.58 -12.31 3.56
CA GLU A 415 -0.26 -12.58 2.17
C GLU A 415 0.47 -13.91 2.02
N GLU A 416 1.42 -14.21 2.91
CA GLU A 416 2.14 -15.48 2.82
C GLU A 416 1.72 -16.49 3.87
N TYR A 417 0.63 -16.27 4.57
CA TYR A 417 0.16 -17.28 5.52
C TYR A 417 -1.30 -17.67 5.33
N ALA A 418 -2.16 -16.72 4.98
CA ALA A 418 -3.59 -17.02 4.85
C ALA A 418 -3.89 -17.79 3.58
N THR A 419 -3.48 -17.27 2.43
CA THR A 419 -3.72 -17.90 1.14
C THR A 419 -2.67 -18.96 0.79
N GLY A 420 -1.96 -19.49 1.78
CA GLY A 420 -0.94 -20.48 1.54
C GLY A 420 -1.32 -21.86 2.03
N PRO A 421 -0.78 -22.25 3.18
CA PRO A 421 -1.03 -23.62 3.67
C PRO A 421 -2.48 -23.92 3.97
N ALA A 422 -3.23 -22.93 4.47
CA ALA A 422 -4.63 -23.17 4.83
C ALA A 422 -5.46 -23.56 3.61
N VAL A 423 -5.52 -22.67 2.61
CA VAL A 423 -6.28 -22.99 1.41
C VAL A 423 -5.65 -24.14 0.65
N LEU A 424 -4.34 -24.35 0.83
CA LEU A 424 -3.67 -25.47 0.15
C LEU A 424 -4.17 -26.81 0.69
N THR A 425 -4.19 -26.97 2.01
CA THR A 425 -4.73 -28.19 2.60
C THR A 425 -6.24 -28.28 2.44
N VAL A 426 -6.94 -27.15 2.31
CA VAL A 426 -8.37 -27.21 2.00
C VAL A 426 -8.59 -27.83 0.61
N ALA A 427 -7.82 -27.36 -0.37
CA ALA A 427 -7.89 -27.95 -1.71
C ALA A 427 -7.47 -29.41 -1.68
N LEU A 428 -6.49 -29.75 -0.84
CA LEU A 428 -6.07 -31.14 -0.71
C LEU A 428 -7.20 -32.01 -0.18
N ILE A 429 -7.89 -31.55 0.87
CA ILE A 429 -9.00 -32.31 1.43
C ILE A 429 -10.12 -32.43 0.40
N GLU A 430 -10.39 -31.38 -0.35
CA GLU A 430 -11.42 -31.43 -1.39
C GLU A 430 -11.07 -32.47 -2.45
N ALA A 431 -9.82 -32.45 -2.93
CA ALA A 431 -9.41 -33.39 -3.96
C ALA A 431 -9.43 -34.82 -3.44
N VAL A 432 -9.05 -35.03 -2.18
CA VAL A 432 -9.10 -36.36 -1.60
C VAL A 432 -10.53 -36.85 -1.49
N ALA A 433 -11.45 -35.98 -1.04
CA ALA A 433 -12.85 -36.37 -0.94
C ALA A 433 -13.44 -36.68 -2.31
N VAL A 434 -12.99 -35.97 -3.34
CA VAL A 434 -13.53 -36.20 -4.67
C VAL A 434 -12.96 -37.48 -5.30
N SER A 435 -11.68 -37.75 -5.09
CA SER A 435 -11.02 -38.87 -5.77
C SER A 435 -11.10 -40.17 -4.96
N TRP A 436 -10.58 -40.17 -3.74
CA TRP A 436 -10.48 -41.40 -2.97
C TRP A 436 -11.83 -41.81 -2.39
N PHE A 437 -12.45 -40.93 -1.62
CA PHE A 437 -13.71 -41.27 -0.96
C PHE A 437 -14.83 -41.44 -1.98
N TYR A 438 -15.13 -40.38 -2.74
CA TYR A 438 -16.17 -40.46 -3.77
C TYR A 438 -15.62 -41.16 -5.01
N GLY A 439 -16.47 -41.96 -5.64
CA GLY A 439 -16.05 -42.74 -6.78
C GLY A 439 -15.89 -41.88 -8.01
N ILE A 440 -14.68 -41.83 -8.59
CA ILE A 440 -14.46 -41.05 -9.80
C ILE A 440 -15.28 -41.62 -10.96
N THR A 441 -15.51 -42.93 -10.97
CA THR A 441 -16.29 -43.55 -12.04
C THR A 441 -17.70 -42.95 -12.11
N GLN A 442 -18.43 -42.99 -11.00
CA GLN A 442 -19.76 -42.39 -10.97
C GLN A 442 -19.71 -40.88 -10.94
N PHE A 443 -18.56 -40.29 -10.64
CA PHE A 443 -18.43 -38.84 -10.70
C PHE A 443 -18.33 -38.35 -12.14
N CYS A 444 -17.76 -39.18 -13.02
CA CYS A 444 -17.61 -38.80 -14.42
C CYS A 444 -18.66 -39.41 -15.34
N ARG A 445 -19.37 -40.46 -14.89
CA ARG A 445 -20.34 -41.12 -15.75
C ARG A 445 -21.48 -40.20 -16.16
N ASP A 446 -21.75 -39.15 -15.39
CA ASP A 446 -22.79 -38.20 -15.76
C ASP A 446 -22.26 -37.06 -16.62
N VAL A 447 -21.10 -36.51 -16.27
CA VAL A 447 -20.53 -35.43 -17.06
C VAL A 447 -20.15 -35.92 -18.45
N LYS A 448 -19.85 -37.22 -18.59
CA LYS A 448 -19.57 -37.79 -19.90
C LYS A 448 -20.73 -37.56 -20.86
N GLU A 449 -21.92 -38.03 -20.49
CA GLU A 449 -23.10 -37.84 -21.34
C GLU A 449 -23.63 -36.42 -21.31
N MET A 450 -23.23 -35.61 -20.31
CA MET A 450 -23.68 -34.23 -20.29
C MET A 450 -22.88 -33.35 -21.24
N LEU A 451 -21.59 -33.62 -21.41
CA LEU A 451 -20.75 -32.85 -22.31
C LEU A 451 -20.47 -33.55 -23.63
N GLY A 452 -20.97 -34.78 -23.81
CA GLY A 452 -20.82 -35.49 -25.06
C GLY A 452 -19.45 -36.04 -25.37
N PHE A 453 -18.43 -35.66 -24.60
CA PHE A 453 -17.07 -36.14 -24.81
C PHE A 453 -16.62 -36.99 -23.63
N SER A 454 -15.56 -37.76 -23.87
CA SER A 454 -15.02 -38.64 -22.84
C SER A 454 -13.90 -37.93 -22.09
N PRO A 455 -14.03 -37.71 -20.78
CA PRO A 455 -12.95 -37.05 -20.03
C PRO A 455 -11.89 -38.04 -19.57
N GLY A 456 -11.88 -39.24 -20.16
CA GLY A 456 -10.95 -40.26 -19.75
C GLY A 456 -9.54 -40.05 -20.28
N TRP A 457 -8.62 -40.82 -19.70
CA TRP A 457 -7.22 -40.91 -20.14
C TRP A 457 -6.41 -39.66 -19.77
N PHE A 458 -7.08 -38.60 -19.31
CA PHE A 458 -6.38 -37.44 -18.79
C PHE A 458 -6.75 -37.14 -17.35
N TRP A 459 -8.05 -36.97 -17.05
CA TRP A 459 -8.46 -36.67 -15.69
C TRP A 459 -8.58 -37.92 -14.84
N ARG A 460 -8.88 -39.07 -15.47
CA ARG A 460 -8.92 -40.32 -14.73
C ARG A 460 -7.57 -40.66 -14.12
N ILE A 461 -6.48 -40.17 -14.73
CA ILE A 461 -5.14 -40.37 -14.20
C ILE A 461 -4.57 -39.12 -13.55
N CYS A 462 -5.16 -37.95 -13.78
CA CYS A 462 -4.68 -36.73 -13.15
C CYS A 462 -5.30 -36.48 -11.78
N TRP A 463 -6.58 -36.81 -11.61
CA TRP A 463 -7.27 -36.54 -10.35
C TRP A 463 -6.85 -37.49 -9.24
N VAL A 464 -6.20 -38.61 -9.57
CA VAL A 464 -5.93 -39.66 -8.60
C VAL A 464 -4.51 -39.60 -8.06
N ALA A 465 -3.52 -39.36 -8.92
CA ALA A 465 -2.12 -39.45 -8.51
C ALA A 465 -1.39 -38.12 -8.58
N ILE A 466 -1.32 -37.50 -9.77
CA ILE A 466 -0.36 -36.40 -9.96
C ILE A 466 -0.83 -35.13 -9.27
N SER A 467 -2.12 -34.80 -9.35
CA SER A 467 -2.61 -33.59 -8.71
C SER A 467 -2.51 -33.66 -7.19
N PRO A 468 -3.01 -34.70 -6.51
CA PRO A 468 -2.81 -34.76 -5.06
C PRO A 468 -1.35 -34.93 -4.68
N LEU A 469 -0.55 -35.61 -5.50
CA LEU A 469 0.87 -35.77 -5.20
C LEU A 469 1.57 -34.41 -5.18
N PHE A 470 1.33 -33.59 -6.21
CA PHE A 470 1.91 -32.24 -6.22
C PHE A 470 1.36 -31.40 -5.09
N LEU A 471 0.04 -31.46 -4.85
CA LEU A 471 -0.58 -30.62 -3.85
C LEU A 471 -0.16 -30.98 -2.43
N LEU A 472 0.28 -32.22 -2.20
CA LEU A 472 0.84 -32.63 -0.92
C LEU A 472 2.33 -32.34 -0.84
N PHE A 473 3.05 -32.48 -1.96
CA PHE A 473 4.48 -32.16 -1.97
C PHE A 473 4.71 -30.69 -1.67
N ILE A 474 3.91 -29.81 -2.27
CA ILE A 474 4.06 -28.38 -2.01
C ILE A 474 3.87 -28.08 -0.52
N ILE A 475 2.85 -28.67 0.09
CA ILE A 475 2.55 -28.33 1.47
C ILE A 475 3.57 -28.94 2.43
N CYS A 476 4.09 -30.13 2.14
CA CYS A 476 5.09 -30.69 3.05
C CYS A 476 6.41 -29.95 2.91
N SER A 477 6.76 -29.51 1.69
CA SER A 477 7.94 -28.68 1.53
C SER A 477 7.77 -27.34 2.24
N PHE A 478 6.56 -26.78 2.20
CA PHE A 478 6.31 -25.52 2.89
C PHE A 478 6.43 -25.70 4.41
N LEU A 479 5.92 -26.80 4.94
CA LEU A 479 6.02 -27.05 6.37
C LEU A 479 7.45 -27.38 6.79
N MET A 480 8.25 -27.95 5.89
CA MET A 480 9.63 -28.29 6.21
C MET A 480 10.54 -27.07 6.15
N SER A 481 10.34 -26.21 5.16
CA SER A 481 11.19 -25.02 4.99
C SER A 481 10.45 -23.79 5.48
N PRO A 482 10.87 -23.18 6.58
CA PRO A 482 10.19 -21.97 7.07
C PRO A 482 10.41 -20.81 6.12
N PRO A 483 9.32 -20.21 5.62
CA PRO A 483 9.47 -19.05 4.72
C PRO A 483 9.76 -17.77 5.49
N GLN A 484 11.04 -17.52 5.77
CA GLN A 484 11.44 -16.36 6.56
C GLN A 484 10.85 -15.08 5.99
N LEU A 485 10.35 -14.22 6.88
CA LEU A 485 9.67 -12.98 6.50
C LEU A 485 10.65 -11.81 6.55
N ARG A 486 10.55 -10.94 5.55
CA ARG A 486 11.34 -9.71 5.49
C ARG A 486 10.51 -8.62 4.85
N LEU A 487 10.55 -7.43 5.44
CA LEU A 487 9.81 -6.28 4.90
C LEU A 487 10.41 -5.00 5.45
N PHE A 488 10.90 -4.14 4.55
CA PHE A 488 11.39 -2.81 4.90
C PHE A 488 12.51 -2.87 5.93
N GLN A 489 13.47 -3.77 5.70
CA GLN A 489 14.63 -3.95 6.57
C GLN A 489 14.20 -4.25 8.01
N TYR A 490 13.19 -5.11 8.15
CA TYR A 490 12.67 -5.50 9.46
C TYR A 490 12.42 -7.00 9.44
N ASN A 491 13.31 -7.75 10.08
CA ASN A 491 13.17 -9.20 10.15
C ASN A 491 12.10 -9.57 11.16
N TYR A 492 11.13 -10.36 10.73
CA TYR A 492 10.05 -10.77 11.62
C TYR A 492 10.57 -11.78 12.64
N PRO A 493 10.24 -11.64 13.91
CA PRO A 493 10.83 -12.49 14.94
C PRO A 493 10.25 -13.91 14.93
N TYR A 494 10.87 -14.76 15.76
CA TYR A 494 10.41 -16.13 15.89
C TYR A 494 9.00 -16.19 16.46
N TRP A 495 8.62 -15.23 17.31
CA TRP A 495 7.25 -15.19 17.80
C TRP A 495 6.27 -14.88 16.67
N SER A 496 6.67 -14.01 15.75
CA SER A 496 5.81 -13.73 14.59
C SER A 496 5.71 -14.96 13.69
N ILE A 497 6.82 -15.68 13.50
CA ILE A 497 6.78 -16.90 12.70
C ILE A 497 5.86 -17.93 13.35
N ILE A 498 5.93 -18.05 14.69
CA ILE A 498 5.09 -18.99 15.41
C ILE A 498 3.62 -18.59 15.30
N LEU A 499 3.33 -17.29 15.38
CA LEU A 499 1.94 -16.83 15.24
C LEU A 499 1.42 -17.12 13.83
N GLY A 500 2.27 -16.92 12.82
CA GLY A 500 1.86 -17.25 11.46
C GLY A 500 1.58 -18.73 11.28
N TYR A 501 2.46 -19.58 11.81
CA TYR A 501 2.24 -21.02 11.73
C TYR A 501 0.98 -21.42 12.48
N CYS A 502 0.71 -20.77 13.62
CA CYS A 502 -0.48 -21.10 14.40
C CYS A 502 -1.76 -20.70 13.68
N ILE A 503 -1.79 -19.51 13.08
CA ILE A 503 -2.98 -19.12 12.35
C ILE A 503 -3.15 -19.97 11.09
N GLY A 504 -2.04 -20.40 10.48
CA GLY A 504 -2.14 -21.27 9.33
C GLY A 504 -2.66 -22.65 9.66
N THR A 505 -2.25 -23.20 10.81
CA THR A 505 -2.72 -24.51 11.23
C THR A 505 -4.08 -24.48 11.91
N SER A 506 -4.54 -23.30 12.34
CA SER A 506 -5.86 -23.15 12.94
C SER A 506 -6.91 -22.66 11.95
N SER A 507 -6.51 -22.16 10.79
CA SER A 507 -7.48 -21.75 9.78
C SER A 507 -8.18 -22.92 9.12
N PHE A 508 -7.79 -24.16 9.42
CA PHE A 508 -8.45 -25.33 8.86
C PHE A 508 -8.74 -26.40 9.90
N ILE A 509 -8.53 -26.13 11.19
CA ILE A 509 -8.84 -27.10 12.24
C ILE A 509 -10.35 -27.33 12.38
N CYS A 510 -11.16 -26.50 11.73
CA CYS A 510 -12.61 -26.70 11.78
C CYS A 510 -13.02 -28.03 11.16
N ILE A 511 -12.33 -28.46 10.11
CA ILE A 511 -12.66 -29.72 9.45
C ILE A 511 -12.40 -30.89 10.41
N PRO A 512 -11.22 -31.02 11.02
CA PRO A 512 -11.04 -32.13 11.97
C PRO A 512 -11.89 -32.01 13.23
N THR A 513 -12.15 -30.79 13.73
CA THR A 513 -13.02 -30.72 14.91
C THR A 513 -14.46 -31.08 14.57
N TYR A 514 -14.91 -30.79 13.33
CA TYR A 514 -16.23 -31.23 12.92
C TYR A 514 -16.27 -32.74 12.71
N ILE A 515 -15.17 -33.31 12.21
CA ILE A 515 -15.08 -34.77 12.11
C ILE A 515 -15.20 -35.40 13.49
N ALA A 516 -14.51 -34.83 14.47
CA ALA A 516 -14.59 -35.34 15.84
C ALA A 516 -16.00 -35.18 16.41
N TYR A 517 -16.63 -34.04 16.15
CA TYR A 517 -18.00 -33.81 16.62
C TYR A 517 -18.95 -34.84 16.03
N ARG A 518 -18.82 -35.10 14.73
CA ARG A 518 -19.68 -36.10 14.09
C ARG A 518 -19.41 -37.49 14.65
N LEU A 519 -18.14 -37.82 14.90
CA LEU A 519 -17.80 -39.13 15.44
C LEU A 519 -18.34 -39.31 16.86
N ILE A 520 -18.36 -38.24 17.66
CA ILE A 520 -18.84 -38.38 19.03
C ILE A 520 -20.36 -38.29 19.10
N ILE A 521 -21.02 -37.64 18.14
CA ILE A 521 -22.48 -37.64 18.16
C ILE A 521 -23.02 -38.94 17.56
N THR A 522 -22.28 -39.55 16.64
CA THR A 522 -22.70 -40.83 16.07
C THR A 522 -22.29 -41.96 17.01
N PRO A 523 -23.21 -42.83 17.41
CA PRO A 523 -22.88 -43.91 18.35
C PRO A 523 -22.39 -45.16 17.63
N GLY A 524 -21.80 -46.06 18.42
CA GLY A 524 -21.35 -47.33 17.91
C GLY A 524 -19.85 -47.53 17.95
N THR A 525 -19.30 -48.27 16.98
CA THR A 525 -17.88 -48.52 16.87
C THR A 525 -17.34 -47.94 15.57
N PHE A 526 -16.02 -48.05 15.40
CA PHE A 526 -15.32 -47.33 14.34
C PHE A 526 -15.80 -47.77 12.96
N LYS A 527 -15.81 -49.09 12.71
CA LYS A 527 -16.06 -49.58 11.36
C LYS A 527 -17.47 -49.25 10.89
N GLU A 528 -18.48 -49.68 11.66
CA GLU A 528 -19.86 -49.40 11.27
C GLU A 528 -20.12 -47.90 11.28
N ARG A 529 -19.52 -47.16 12.22
CA ARG A 529 -19.69 -45.72 12.26
C ARG A 529 -19.24 -45.08 10.95
N ILE A 530 -18.03 -45.41 10.50
CA ILE A 530 -17.50 -44.78 9.29
C ILE A 530 -18.27 -45.24 8.07
N ILE A 531 -18.71 -46.52 8.06
CA ILE A 531 -19.38 -47.03 6.86
C ILE A 531 -20.80 -46.50 6.74
N LYS A 532 -21.45 -46.12 7.84
CA LYS A 532 -22.78 -45.52 7.71
C LYS A 532 -22.73 -44.00 7.76
N SER A 533 -21.60 -43.40 8.12
CA SER A 533 -21.48 -41.94 8.06
C SER A 533 -20.96 -41.46 6.71
N ILE A 534 -20.10 -42.22 6.06
CA ILE A 534 -19.63 -41.87 4.71
C ILE A 534 -20.63 -42.50 3.75
N THR A 535 -21.74 -41.79 3.53
CA THR A 535 -22.81 -42.25 2.65
C THR A 535 -23.28 -41.07 1.79
N PRO A 536 -22.92 -41.04 0.52
CA PRO A 536 -23.37 -39.94 -0.35
C PRO A 536 -24.86 -40.02 -0.64
N GLU A 537 -25.63 -39.06 -0.10
CA GLU A 537 -27.07 -39.03 -0.28
C GLU A 537 -27.43 -38.60 -1.70
N GLN B 1 27.78 23.81 4.97
CA GLN B 1 27.77 24.36 6.31
C GLN B 1 27.07 25.72 6.34
N VAL B 2 27.53 26.59 7.24
CA VAL B 2 26.97 27.93 7.38
C VAL B 2 27.73 28.82 6.40
N GLN B 3 27.19 28.93 5.17
CA GLN B 3 27.80 29.73 4.13
C GLN B 3 26.77 30.53 3.35
N LEU B 4 25.63 30.83 3.98
CA LEU B 4 24.56 31.58 3.34
C LEU B 4 24.92 33.06 3.38
N GLN B 5 25.85 33.45 2.51
CA GLN B 5 26.29 34.83 2.44
C GLN B 5 25.32 35.65 1.60
N GLN B 6 25.10 36.89 2.01
CA GLN B 6 24.21 37.82 1.34
C GLN B 6 24.99 39.07 0.90
N SER B 7 24.27 40.03 0.34
CA SER B 7 24.87 41.27 -0.12
C SER B 7 24.83 42.31 1.00
N GLY B 8 25.28 43.53 0.67
CA GLY B 8 25.27 44.63 1.61
C GLY B 8 23.93 45.31 1.69
N PRO B 9 23.90 46.52 2.23
CA PRO B 9 22.65 47.27 2.32
C PRO B 9 22.28 47.95 1.02
N GLU B 10 20.98 48.06 0.78
CA GLU B 10 20.43 48.71 -0.40
C GLU B 10 19.74 50.01 -0.02
N LEU B 11 19.41 50.80 -1.04
CA LEU B 11 18.69 52.04 -0.86
C LEU B 11 17.22 51.84 -1.21
N VAL B 12 16.34 52.48 -0.43
CA VAL B 12 14.90 52.33 -0.60
C VAL B 12 14.30 53.68 -0.98
N LYS B 13 13.53 53.70 -2.06
CA LYS B 13 12.83 54.90 -2.51
C LYS B 13 11.38 54.56 -2.77
N LEU B 14 10.55 55.61 -2.85
CA LEU B 14 9.13 55.43 -3.09
C LEU B 14 8.88 54.88 -4.49
N GLY B 15 8.44 53.63 -4.58
CA GLY B 15 8.20 52.99 -5.86
C GLY B 15 9.47 52.55 -6.56
N ALA B 16 10.30 51.80 -5.85
CA ALA B 16 11.56 51.30 -6.38
C ALA B 16 11.53 49.77 -6.42
N SER B 17 12.66 49.18 -6.83
CA SER B 17 12.79 47.74 -6.93
C SER B 17 14.24 47.36 -6.71
N VAL B 18 14.48 46.44 -5.76
CA VAL B 18 15.82 45.98 -5.44
C VAL B 18 15.85 44.45 -5.56
N ARG B 19 17.06 43.90 -5.51
CA ARG B 19 17.27 42.46 -5.60
C ARG B 19 18.23 42.03 -4.50
N ILE B 20 17.84 41.00 -3.75
CA ILE B 20 18.65 40.48 -2.65
C ILE B 20 19.11 39.07 -3.04
N SER B 21 20.42 38.87 -3.03
CA SER B 21 21.00 37.58 -3.37
C SER B 21 21.27 36.76 -2.12
N CYS B 22 21.43 35.45 -2.32
CA CYS B 22 21.72 34.53 -1.21
C CYS B 22 22.53 33.37 -1.78
N LYS B 23 23.84 33.41 -1.56
CA LYS B 23 24.72 32.36 -2.05
C LYS B 23 24.67 31.16 -1.11
N ALA B 24 24.18 30.02 -1.62
CA ALA B 24 24.07 28.80 -0.85
C ALA B 24 25.15 27.82 -1.29
N SER B 25 25.82 27.20 -0.33
CA SER B 25 26.88 26.25 -0.62
C SER B 25 27.14 25.40 0.62
N GLY B 26 27.70 24.22 0.40
CA GLY B 26 28.01 23.30 1.47
C GLY B 26 27.00 22.20 1.69
N TYR B 27 25.93 22.14 0.91
CA TYR B 27 24.91 21.12 1.05
C TYR B 27 24.16 20.99 -0.26
N ARG B 28 23.29 19.99 -0.32
CA ARG B 28 22.48 19.72 -1.51
C ARG B 28 21.36 20.76 -1.57
N PHE B 29 21.66 21.90 -2.18
CA PHE B 29 20.67 22.97 -2.30
C PHE B 29 19.59 22.66 -3.32
N SER B 30 19.77 21.65 -4.16
CA SER B 30 18.77 21.28 -5.15
C SER B 30 17.65 20.44 -4.58
N TYR B 31 17.73 20.05 -3.31
CA TYR B 31 16.70 19.25 -2.67
C TYR B 31 16.26 19.82 -1.33
N SER B 32 16.70 21.03 -0.98
CA SER B 32 16.34 21.67 0.27
C SER B 32 15.67 23.00 -0.01
N TRP B 33 14.65 23.33 0.77
CA TRP B 33 13.93 24.58 0.58
C TRP B 33 14.76 25.77 1.03
N MET B 34 14.34 26.96 0.60
CA MET B 34 15.00 28.21 0.95
C MET B 34 13.93 29.20 1.39
N ASN B 35 13.99 29.61 2.66
CA ASN B 35 13.01 30.50 3.24
C ASN B 35 13.54 31.93 3.31
N TRP B 36 12.61 32.87 3.36
CA TRP B 36 12.92 34.29 3.47
C TRP B 36 12.02 34.91 4.52
N VAL B 37 12.62 35.61 5.49
CA VAL B 37 11.88 36.20 6.60
C VAL B 37 12.04 37.72 6.54
N LYS B 38 11.18 38.41 7.28
CA LYS B 38 11.19 39.86 7.36
C LYS B 38 11.13 40.28 8.81
N GLN B 39 12.07 41.13 9.23
CA GLN B 39 12.15 41.60 10.61
C GLN B 39 12.24 43.13 10.60
N ARG B 40 11.28 43.78 11.26
CA ARG B 40 11.29 45.23 11.37
C ARG B 40 12.10 45.67 12.59
N PRO B 41 12.70 46.85 12.53
CA PRO B 41 13.46 47.35 13.68
C PRO B 41 12.56 47.54 14.90
N GLY B 42 12.82 46.75 15.94
CA GLY B 42 12.03 46.79 17.15
C GLY B 42 10.77 45.98 17.12
N LYS B 43 10.59 45.14 16.12
CA LYS B 43 9.40 44.29 15.98
C LYS B 43 9.82 42.83 15.88
N GLY B 44 8.82 41.95 15.77
CA GLY B 44 9.06 40.53 15.67
C GLY B 44 9.42 40.09 14.26
N LEU B 45 9.41 38.78 14.07
CA LEU B 45 9.74 38.19 12.78
C LEU B 45 8.47 37.97 11.96
N GLU B 46 8.60 38.14 10.65
CA GLU B 46 7.50 37.96 9.71
C GLU B 46 7.96 37.08 8.55
N TRP B 47 7.13 36.10 8.20
CA TRP B 47 7.44 35.18 7.12
C TRP B 47 6.99 35.75 5.79
N ILE B 48 7.79 35.54 4.74
CA ILE B 48 7.53 36.05 3.41
C ILE B 48 7.09 34.93 2.47
N GLY B 49 7.95 33.94 2.27
CA GLY B 49 7.62 32.84 1.37
C GLY B 49 8.77 31.84 1.33
N ARG B 50 8.51 30.73 0.64
CA ARG B 50 9.48 29.66 0.48
C ARG B 50 9.63 29.34 -0.99
N ILE B 51 10.81 28.82 -1.34
CA ILE B 51 11.13 28.44 -2.71
C ILE B 51 11.91 27.13 -2.68
N TYR B 52 11.63 26.24 -3.64
CA TYR B 52 12.30 24.95 -3.74
C TYR B 52 13.21 24.95 -4.97
N PRO B 53 14.51 25.18 -4.81
CA PRO B 53 15.40 25.17 -5.97
C PRO B 53 15.48 23.78 -6.59
N GLY B 54 15.31 23.71 -7.91
CA GLY B 54 15.34 22.47 -8.66
C GLY B 54 14.05 22.17 -9.39
N ASP B 55 12.92 22.64 -8.86
CA ASP B 55 11.62 22.42 -9.47
C ASP B 55 10.78 23.68 -9.62
N GLY B 56 11.21 24.81 -9.07
CA GLY B 56 10.46 26.04 -9.19
C GLY B 56 9.20 26.11 -8.36
N ASP B 57 9.01 25.19 -7.42
CA ASP B 57 7.82 25.20 -6.58
C ASP B 57 7.93 26.32 -5.55
N THR B 58 7.02 27.29 -5.64
CA THR B 58 6.99 28.42 -4.73
C THR B 58 5.62 28.50 -4.05
N LYS B 59 5.63 28.88 -2.77
CA LYS B 59 4.41 29.01 -1.96
C LYS B 59 4.48 30.34 -1.24
N TYR B 60 3.90 31.38 -1.84
CA TYR B 60 3.90 32.71 -1.27
C TYR B 60 2.73 32.90 -0.33
N SER B 61 2.95 33.68 0.72
CA SER B 61 1.92 33.97 1.72
C SER B 61 2.32 35.24 2.47
N GLY B 62 1.60 35.53 3.54
CA GLY B 62 1.91 36.70 4.35
C GLY B 62 1.59 38.02 3.68
N LYS B 63 0.60 38.04 2.78
CA LYS B 63 0.22 39.25 2.05
C LYS B 63 1.41 39.87 1.34
N PHE B 64 2.30 39.02 0.84
CA PHE B 64 3.51 39.48 0.15
C PHE B 64 3.61 38.98 -1.28
N LYS B 65 2.67 38.16 -1.76
CA LYS B 65 2.73 37.67 -3.12
C LYS B 65 2.52 38.77 -4.16
N GLY B 66 1.91 39.88 -3.77
CA GLY B 66 1.69 40.98 -4.69
C GLY B 66 2.87 41.88 -4.93
N LYS B 67 3.92 41.75 -4.11
CA LYS B 67 5.11 42.59 -4.26
C LYS B 67 6.42 41.84 -4.11
N ALA B 68 6.39 40.52 -3.97
CA ALA B 68 7.61 39.72 -3.83
C ALA B 68 7.57 38.55 -4.79
N THR B 69 8.74 38.17 -5.30
CA THR B 69 8.86 37.04 -6.21
C THR B 69 10.20 36.37 -5.98
N LEU B 70 10.17 35.04 -5.81
CA LEU B 70 11.36 34.26 -5.55
C LEU B 70 11.82 33.56 -6.82
N THR B 71 13.13 33.58 -7.06
CA THR B 71 13.72 32.97 -8.25
C THR B 71 14.98 32.22 -7.84
N ALA B 72 15.09 30.97 -8.27
CA ALA B 72 16.24 30.13 -7.96
C ALA B 72 17.17 30.01 -9.17
N ASP B 73 18.45 29.81 -8.87
CA ASP B 73 19.48 29.67 -9.91
C ASP B 73 20.36 28.50 -9.52
N LYS B 74 20.10 27.33 -10.14
CA LYS B 74 20.89 26.14 -9.82
C LYS B 74 22.30 26.23 -10.37
N SER B 75 22.49 26.95 -11.48
CA SER B 75 23.82 27.06 -12.08
C SER B 75 24.78 27.85 -11.19
N SER B 76 24.29 28.95 -10.61
CA SER B 76 25.11 29.79 -9.74
C SER B 76 24.94 29.46 -8.26
N SER B 77 24.01 28.56 -7.92
CA SER B 77 23.70 28.19 -6.54
C SER B 77 23.35 29.43 -5.71
N THR B 78 22.55 30.32 -6.29
CA THR B 78 22.06 31.51 -5.62
C THR B 78 20.54 31.52 -5.62
N VAL B 79 19.98 32.23 -4.64
CA VAL B 79 18.53 32.40 -4.51
C VAL B 79 18.23 33.89 -4.53
N TYR B 80 17.43 34.32 -5.50
CA TYR B 80 17.09 35.71 -5.67
C TYR B 80 15.65 35.98 -5.23
N MET B 81 15.43 37.18 -4.69
CA MET B 81 14.11 37.62 -4.23
C MET B 81 13.79 38.94 -4.92
N GLN B 82 12.83 38.90 -5.85
CA GLN B 82 12.46 40.09 -6.60
C GLN B 82 11.52 40.96 -5.77
N LEU B 83 11.86 42.24 -5.63
CA LEU B 83 11.07 43.19 -4.87
C LEU B 83 10.44 44.21 -5.82
N SER B 84 9.27 44.71 -5.43
CA SER B 84 8.56 45.69 -6.23
C SER B 84 7.71 46.56 -5.31
N SER B 85 7.54 47.82 -5.71
CA SER B 85 6.75 48.81 -4.96
C SER B 85 7.22 48.90 -3.52
N LEU B 86 8.48 49.31 -3.35
CA LEU B 86 9.06 49.44 -2.03
C LEU B 86 8.48 50.65 -1.30
N THR B 87 8.30 50.51 0.01
CA THR B 87 7.76 51.57 0.85
C THR B 87 8.47 51.55 2.19
N SER B 88 8.41 52.68 2.91
CA SER B 88 9.05 52.77 4.21
C SER B 88 8.43 51.83 5.24
N GLU B 89 7.21 51.34 5.00
CA GLU B 89 6.59 50.41 5.93
C GLU B 89 7.29 49.05 5.88
N ASP B 90 7.47 48.50 4.69
CA ASP B 90 8.14 47.21 4.52
C ASP B 90 9.64 47.34 4.35
N SER B 91 10.19 48.55 4.38
CA SER B 91 11.62 48.75 4.30
C SER B 91 12.26 48.30 5.61
N ALA B 92 12.81 47.09 5.62
CA ALA B 92 13.43 46.53 6.80
C ALA B 92 14.53 45.55 6.36
N VAL B 93 15.10 44.84 7.33
CA VAL B 93 16.17 43.88 7.07
C VAL B 93 15.55 42.53 6.78
N TYR B 94 16.11 41.82 5.79
CA TYR B 94 15.64 40.51 5.39
C TYR B 94 16.78 39.51 5.51
N PHE B 95 16.44 38.29 5.94
CA PHE B 95 17.40 37.21 6.09
C PHE B 95 17.20 36.17 4.99
N CYS B 96 17.96 35.09 5.07
CA CYS B 96 17.86 33.99 4.10
C CYS B 96 18.13 32.70 4.84
N ALA B 97 17.07 32.02 5.25
CA ALA B 97 17.18 30.79 6.01
C ALA B 97 17.11 29.58 5.08
N ARG B 98 17.38 28.40 5.66
CA ARG B 98 17.36 27.14 4.92
C ARG B 98 16.59 26.12 5.74
N SER B 99 15.51 25.59 5.16
CA SER B 99 14.69 24.60 5.84
C SER B 99 15.43 23.28 5.98
N ALA B 100 15.10 22.54 7.03
CA ALA B 100 15.68 21.23 7.27
C ALA B 100 14.92 20.17 6.47
N TYR B 101 15.19 18.90 6.75
CA TYR B 101 14.53 17.80 6.04
C TYR B 101 13.13 17.58 6.59
N GLY B 102 12.48 16.52 6.11
CA GLY B 102 11.10 16.25 6.51
C GLY B 102 11.00 15.74 7.94
N SER B 103 11.85 14.80 8.32
CA SER B 103 11.80 14.24 9.66
C SER B 103 12.22 15.26 10.72
N GLU B 104 13.02 16.25 10.34
CA GLU B 104 13.47 17.29 11.26
C GLU B 104 12.44 18.40 11.45
N GLY B 105 11.30 18.34 10.74
CA GLY B 105 10.27 19.34 10.87
C GLY B 105 10.50 20.61 10.09
N PHE B 106 11.43 20.61 9.14
CA PHE B 106 11.73 21.78 8.31
C PHE B 106 12.10 22.98 9.17
N ALA B 107 13.17 22.81 9.96
CA ALA B 107 13.64 23.84 10.88
C ALA B 107 14.76 24.64 10.24
N MET B 108 14.70 25.96 10.39
CA MET B 108 15.70 26.86 9.80
C MET B 108 16.98 26.78 10.64
N ASP B 109 17.80 25.78 10.33
CA ASP B 109 19.04 25.59 11.06
C ASP B 109 20.09 26.63 10.65
N TYR B 110 20.34 26.78 9.36
CA TYR B 110 21.35 27.68 8.85
C TYR B 110 20.70 29.00 8.44
N TRP B 111 21.26 30.11 8.89
CA TRP B 111 20.76 31.44 8.59
C TRP B 111 21.84 32.24 7.88
N GLY B 112 21.45 33.42 7.38
CA GLY B 112 22.34 34.30 6.67
C GLY B 112 22.83 35.45 7.54
N GLN B 113 23.63 36.32 6.90
CA GLN B 113 24.16 37.48 7.61
C GLN B 113 23.10 38.57 7.77
N GLY B 114 22.32 38.83 6.73
CA GLY B 114 21.28 39.82 6.79
C GLY B 114 21.52 41.02 5.88
N THR B 115 20.52 41.39 5.10
CA THR B 115 20.59 42.54 4.20
C THR B 115 19.78 43.67 4.82
N SER B 116 20.48 44.64 5.41
CA SER B 116 19.82 45.78 6.05
C SER B 116 19.31 46.72 4.97
N VAL B 117 18.15 46.38 4.42
CA VAL B 117 17.55 47.16 3.35
C VAL B 117 16.75 48.29 3.97
N THR B 118 17.38 49.45 4.15
CA THR B 118 16.74 50.61 4.75
C THR B 118 16.93 51.85 3.91
N ASP C 1 -4.49 30.62 6.46
CA ASP C 1 -3.37 31.00 7.32
C ASP C 1 -3.67 30.69 8.78
N ILE C 2 -2.80 29.90 9.40
CA ILE C 2 -2.95 29.53 10.81
C ILE C 2 -2.07 30.45 11.64
N VAL C 3 -2.68 31.11 12.62
CA VAL C 3 -1.99 32.09 13.46
C VAL C 3 -1.56 31.43 14.76
N LEU C 4 -0.35 31.78 15.21
CA LEU C 4 0.19 31.30 16.48
C LEU C 4 0.17 32.42 17.50
N THR C 5 -0.08 32.06 18.76
CA THR C 5 -0.10 33.01 19.86
C THR C 5 0.81 32.51 20.98
N GLN C 6 1.59 33.42 21.56
CA GLN C 6 2.51 33.11 22.63
C GLN C 6 2.08 33.78 23.93
N SER C 7 2.41 33.15 25.05
CA SER C 7 2.06 33.68 26.36
C SER C 7 2.99 33.07 27.39
N PRO C 8 3.50 33.84 28.36
CA PRO C 8 3.26 35.29 28.50
C PRO C 8 4.11 36.12 27.53
N ALA C 9 3.97 37.45 27.61
CA ALA C 9 4.73 38.34 26.73
C ALA C 9 6.10 38.68 27.29
N SER C 10 6.27 38.65 28.62
CA SER C 10 7.55 38.97 29.23
C SER C 10 7.71 38.13 30.49
N LEU C 11 8.91 37.58 30.67
CA LEU C 11 9.23 36.73 31.83
C LEU C 11 10.46 37.32 32.51
N ALA C 12 10.22 38.09 33.57
CA ALA C 12 11.30 38.73 34.32
C ALA C 12 11.78 37.87 35.48
N VAL C 13 12.21 36.65 35.17
CA VAL C 13 12.71 35.72 36.18
C VAL C 13 14.20 35.96 36.38
N SER C 14 14.68 35.63 37.57
CA SER C 14 16.07 35.82 37.92
C SER C 14 16.89 34.57 37.55
N LEU C 15 18.18 34.61 37.86
CA LEU C 15 19.05 33.47 37.59
C LEU C 15 18.87 32.41 38.66
N GLY C 16 18.66 31.16 38.21
CA GLY C 16 18.53 30.04 39.11
C GLY C 16 17.17 29.37 39.12
N GLN C 17 16.18 29.92 38.42
CA GLN C 17 14.85 29.32 38.34
C GLN C 17 14.48 29.08 36.88
N ARG C 18 13.73 28.02 36.65
CA ARG C 18 13.31 27.64 35.31
C ARG C 18 12.10 28.48 34.87
N ALA C 19 11.77 28.38 33.59
CA ALA C 19 10.63 29.10 33.02
C ALA C 19 9.96 28.21 31.98
N THR C 20 8.74 28.60 31.61
CA THR C 20 7.96 27.89 30.60
C THR C 20 7.42 28.87 29.58
N ILE C 21 7.52 28.49 28.31
CA ILE C 21 7.02 29.28 27.19
C ILE C 21 5.91 28.49 26.52
N SER C 22 4.77 29.15 26.28
CA SER C 22 3.61 28.52 25.67
C SER C 22 3.40 29.05 24.26
N CYS C 23 3.00 28.16 23.35
CA CYS C 23 2.70 28.52 21.97
C CYS C 23 1.44 27.77 21.57
N ARG C 24 0.30 28.45 21.62
CA ARG C 24 -1.01 27.86 21.37
C ARG C 24 -1.52 28.26 19.99
N ALA C 25 -2.48 27.49 19.50
CA ALA C 25 -3.15 27.75 18.23
C ALA C 25 -4.36 26.83 18.13
N SER C 26 -5.16 27.04 17.08
CA SER C 26 -6.26 26.13 16.80
C SER C 26 -5.75 24.74 16.47
N GLU C 27 -4.68 24.66 15.69
CA GLU C 27 -3.98 23.40 15.45
C GLU C 27 -3.12 23.05 16.66
N SER C 28 -2.97 21.76 16.97
CA SER C 28 -3.30 20.52 16.21
C SER C 28 -2.53 20.44 14.90
N VAL C 29 -1.22 20.70 14.97
CA VAL C 29 -0.33 20.58 13.81
C VAL C 29 0.25 19.18 13.66
N ASP C 30 -0.15 18.24 14.51
CA ASP C 30 0.44 16.91 14.48
C ASP C 30 0.12 16.20 13.17
N ASN C 31 1.16 15.76 12.47
CA ASN C 31 1.01 15.07 11.20
C ASN C 31 2.09 14.00 11.09
N TYR C 32 1.67 12.76 10.84
CA TYR C 32 2.59 11.62 10.71
C TYR C 32 3.43 11.44 11.96
N GLY C 33 2.85 11.74 13.12
CA GLY C 33 3.53 11.56 14.38
C GLY C 33 4.68 12.51 14.65
N ILE C 34 4.80 13.58 13.87
CA ILE C 34 5.86 14.57 14.03
C ILE C 34 5.22 15.91 14.31
N SER C 35 5.42 16.43 15.53
CA SER C 35 4.88 17.72 15.90
C SER C 35 5.63 18.82 15.17
N PHE C 36 4.99 19.44 14.20
CA PHE C 36 5.61 20.47 13.38
C PHE C 36 5.72 21.76 14.20
N LEU C 37 6.86 21.95 14.85
CA LEU C 37 7.09 23.15 15.66
C LEU C 37 8.60 23.31 15.85
N ASN C 38 9.06 24.56 15.79
CA ASN C 38 10.47 24.87 15.91
C ASN C 38 10.64 26.14 16.74
N TRP C 39 11.57 26.10 17.69
CA TRP C 39 11.87 27.22 18.55
C TRP C 39 13.19 27.85 18.13
N PHE C 40 13.22 29.18 18.05
CA PHE C 40 14.39 29.93 17.63
C PHE C 40 14.88 30.83 18.75
N GLN C 41 16.17 31.16 18.69
CA GLN C 41 16.80 32.08 19.64
C GLN C 41 17.34 33.26 18.85
N GLN C 42 16.66 34.40 18.96
CA GLN C 42 17.03 35.62 18.24
C GLN C 42 17.65 36.61 19.23
N LYS C 43 18.92 36.93 19.03
CA LYS C 43 19.61 37.92 19.83
C LYS C 43 19.59 39.28 19.12
N PRO C 44 19.61 40.38 19.88
CA PRO C 44 19.61 41.71 19.25
C PRO C 44 20.84 41.93 18.37
N GLY C 45 20.62 42.06 17.07
CA GLY C 45 21.71 42.24 16.13
C GLY C 45 22.13 40.96 15.46
N GLN C 46 22.09 39.84 16.20
CA GLN C 46 22.49 38.54 15.68
C GLN C 46 21.32 37.85 14.99
N PRO C 47 21.60 37.02 13.99
CA PRO C 47 20.54 36.25 13.34
C PRO C 47 19.96 35.22 14.29
N PRO C 48 18.75 34.70 14.01
CA PRO C 48 18.15 33.70 14.89
C PRO C 48 18.99 32.43 14.95
N LYS C 49 18.77 31.65 16.01
CA LYS C 49 19.48 30.40 16.20
C LYS C 49 18.48 29.31 16.57
N LEU C 50 18.52 28.21 15.82
CA LEU C 50 17.59 27.11 16.05
C LEU C 50 17.92 26.39 17.36
N LEU C 51 16.88 26.00 18.08
CA LEU C 51 17.03 25.39 19.40
C LEU C 51 16.48 23.96 19.45
N ILE C 52 15.27 23.73 18.97
CA ILE C 52 14.56 22.47 19.16
C ILE C 52 14.20 21.89 17.80
N TYR C 53 14.34 20.56 17.68
CA TYR C 53 13.94 19.83 16.48
C TYR C 53 12.55 19.25 16.69
N ALA C 54 11.59 19.72 15.89
CA ALA C 54 10.22 19.18 15.88
C ALA C 54 9.58 19.21 17.27
N ALA C 55 9.99 20.17 18.10
CA ALA C 55 9.47 20.39 19.45
C ALA C 55 9.70 19.21 20.38
N SER C 56 10.49 18.22 19.97
CA SER C 56 10.75 17.06 20.82
C SER C 56 12.24 16.75 20.93
N ASN C 57 13.00 17.06 19.89
CA ASN C 57 14.42 16.77 19.85
C ASN C 57 15.23 18.06 19.94
N GLN C 58 16.43 17.95 20.50
CA GLN C 58 17.31 19.10 20.64
C GLN C 58 18.11 19.32 19.36
N GLY C 59 18.46 20.59 19.13
CA GLY C 59 19.17 20.97 17.93
C GLY C 59 20.65 20.66 18.01
N SER C 60 21.37 21.09 16.98
CA SER C 60 22.81 20.89 16.88
C SER C 60 23.52 22.15 17.36
N GLY C 61 24.53 21.97 18.21
CA GLY C 61 25.29 23.07 18.75
C GLY C 61 24.65 23.79 19.92
N VAL C 62 23.39 23.50 20.23
CA VAL C 62 22.68 24.13 21.34
C VAL C 62 23.00 23.36 22.62
N PRO C 63 23.27 24.03 23.73
CA PRO C 63 23.53 23.32 24.99
C PRO C 63 22.31 22.51 25.43
N ALA C 64 22.56 21.55 26.32
CA ALA C 64 21.51 20.67 26.81
C ALA C 64 20.52 21.37 27.72
N ARG C 65 20.76 22.64 28.08
CA ARG C 65 19.83 23.36 28.95
C ARG C 65 18.52 23.65 28.24
N PHE C 66 18.53 23.75 26.92
CA PHE C 66 17.31 24.00 26.16
C PHE C 66 16.55 22.69 25.96
N SER C 67 15.25 22.72 26.22
CA SER C 67 14.40 21.55 26.09
C SER C 67 12.96 22.00 25.89
N GLY C 68 12.08 21.02 25.66
CA GLY C 68 10.68 21.32 25.44
C GLY C 68 9.92 20.11 24.92
N SER C 69 8.59 20.12 25.07
CA SER C 69 7.75 19.02 24.64
C SER C 69 6.35 19.56 24.36
N GLY C 70 5.44 18.65 24.05
CA GLY C 70 4.08 19.03 23.74
C GLY C 70 3.47 18.10 22.71
N SER C 71 2.17 18.23 22.53
CA SER C 71 1.44 17.39 21.57
C SER C 71 0.14 18.08 21.20
N GLY C 72 -0.14 18.16 19.90
CA GLY C 72 -1.39 18.72 19.41
C GLY C 72 -1.46 20.23 19.53
N THR C 73 -2.46 20.72 20.28
CA THR C 73 -2.67 22.16 20.40
C THR C 73 -1.72 22.79 21.42
N TYR C 74 -1.51 22.13 22.55
CA TYR C 74 -0.69 22.67 23.62
C TYR C 74 0.77 22.34 23.38
N PHE C 75 1.62 23.36 23.46
CA PHE C 75 3.07 23.20 23.27
C PHE C 75 3.79 24.02 24.33
N SER C 76 4.77 23.41 24.99
CA SER C 76 5.53 24.05 26.05
C SER C 76 7.01 24.03 25.73
N LEU C 77 7.73 24.99 26.31
CA LEU C 77 9.18 25.11 26.16
C LEU C 77 9.79 25.20 27.56
N ASN C 78 10.05 24.04 28.15
CA ASN C 78 10.64 23.98 29.49
C ASN C 78 12.15 24.25 29.37
N ILE C 79 12.57 25.43 29.82
CA ILE C 79 13.96 25.86 29.70
C ILE C 79 14.63 25.78 31.07
N HIS C 80 15.85 25.25 31.08
CA HIS C 80 16.64 25.22 32.31
C HIS C 80 16.93 26.65 32.76
N PRO C 81 17.14 26.88 34.07
CA PRO C 81 17.54 28.21 34.54
C PRO C 81 18.67 28.82 33.71
N MET C 82 18.38 29.93 33.04
CA MET C 82 19.29 30.52 32.08
C MET C 82 20.45 31.22 32.79
N GLU C 83 21.46 31.55 32.01
CA GLU C 83 22.65 32.25 32.49
C GLU C 83 22.54 33.74 32.15
N GLU C 84 23.61 34.48 32.40
CA GLU C 84 23.62 35.91 32.14
C GLU C 84 23.66 36.25 30.66
N ASP C 85 23.88 35.26 29.78
CA ASP C 85 23.96 35.50 28.35
C ASP C 85 22.83 34.86 27.56
N ASP C 86 22.05 33.97 28.17
CA ASP C 86 20.97 33.28 27.46
C ASP C 86 19.68 34.09 27.40
N THR C 87 19.72 35.37 27.75
CA THR C 87 18.52 36.22 27.69
C THR C 87 18.33 36.70 26.26
N ALA C 88 17.21 36.31 25.66
CA ALA C 88 16.89 36.66 24.27
C ALA C 88 15.43 36.32 24.01
N VAL C 89 14.91 36.84 22.90
CA VAL C 89 13.54 36.57 22.51
C VAL C 89 13.46 35.19 21.85
N TYR C 90 12.30 34.57 21.98
CA TYR C 90 12.07 33.23 21.44
C TYR C 90 10.79 33.23 20.61
N PHE C 91 10.83 32.53 19.48
CA PHE C 91 9.69 32.43 18.58
C PHE C 91 9.41 30.96 18.26
N CYS C 92 8.13 30.63 18.14
CA CYS C 92 7.70 29.31 17.73
C CYS C 92 7.19 29.37 16.29
N GLN C 93 7.65 28.44 15.47
CA GLN C 93 7.32 28.40 14.05
C GLN C 93 6.53 27.14 13.74
N GLN C 94 5.39 27.30 13.07
CA GLN C 94 4.60 26.18 12.59
C GLN C 94 4.97 25.90 11.14
N THR C 95 5.44 24.68 10.88
CA THR C 95 5.89 24.28 9.54
C THR C 95 4.86 23.41 8.82
N LYS C 96 3.65 23.29 9.37
CA LYS C 96 2.60 22.53 8.69
C LYS C 96 2.15 23.27 7.44
N GLY C 97 1.90 22.50 6.37
CA GLY C 97 1.48 23.10 5.13
C GLY C 97 0.12 23.77 5.24
N VAL C 98 -0.12 24.70 4.31
CA VAL C 98 0.84 25.04 3.27
C VAL C 98 1.52 26.36 3.58
N SER C 99 1.02 27.07 4.58
CA SER C 99 1.54 28.37 4.97
C SER C 99 2.29 28.25 6.30
N TRP C 100 3.36 29.04 6.44
CA TRP C 100 4.17 29.06 7.63
C TRP C 100 4.05 30.43 8.30
N THR C 101 3.76 30.42 9.60
CA THR C 101 3.59 31.65 10.37
C THR C 101 4.39 31.57 11.65
N PHE C 102 4.99 32.69 12.04
CA PHE C 102 5.78 32.77 13.26
C PHE C 102 4.93 33.21 14.44
N GLY C 103 5.50 33.07 15.63
CA GLY C 103 4.83 33.46 16.86
C GLY C 103 5.03 34.92 17.18
N GLY C 104 4.56 35.30 18.37
CA GLY C 104 4.66 36.67 18.83
C GLY C 104 6.03 37.02 19.39
N GLY C 105 6.44 36.31 20.43
CA GLY C 105 7.73 36.55 21.05
C GLY C 105 7.65 36.89 22.52
N THR C 106 8.52 36.30 23.33
CA THR C 106 8.57 36.55 24.76
C THR C 106 9.85 37.28 25.13
N LYS C 107 9.77 38.16 26.11
CA LYS C 107 10.91 38.97 26.55
C LYS C 107 11.53 38.30 27.78
N VAL C 108 12.35 37.28 27.52
CA VAL C 108 13.06 36.58 28.58
C VAL C 108 14.21 37.47 29.05
N GLU C 109 14.09 37.99 30.27
CA GLU C 109 15.09 38.88 30.85
C GLU C 109 15.38 38.45 32.28
N ILE C 110 16.32 39.14 32.91
CA ILE C 110 16.71 38.86 34.28
C ILE C 110 16.32 40.02 35.19
C1 NAG D . 18.08 7.90 5.04
C2 NAG D . 18.68 8.95 5.97
C3 NAG D . 19.44 8.27 7.11
C4 NAG D . 18.54 7.26 7.83
C5 NAG D . 17.96 6.28 6.81
C6 NAG D . 16.97 5.31 7.44
C7 NAG D . 19.23 11.11 4.94
C8 NAG D . 20.25 11.90 4.19
N2 NAG D . 19.56 9.85 5.25
O3 NAG D . 19.89 9.25 8.04
O4 NAG D . 19.29 6.55 8.80
O5 NAG D . 17.25 7.00 5.79
O6 NAG D . 16.98 4.06 6.77
O7 NAG D . 18.15 11.59 5.27
C1 NAG D . 19.04 6.73 10.14
C2 NAG D . 19.08 5.51 11.07
C3 NAG D . 18.20 5.73 12.28
C4 NAG D . 18.56 7.04 12.97
C5 NAG D . 18.55 8.19 11.98
C6 NAG D . 19.02 9.50 12.57
C7 NAG D . 19.54 3.49 9.75
C8 NAG D . 18.96 2.30 9.07
N2 NAG D . 18.68 4.31 10.35
O3 NAG D . 18.34 4.64 13.18
O4 NAG D . 17.64 7.32 14.02
O5 NAG D . 19.42 7.90 10.87
O6 NAG D . 20.45 9.58 12.57
O7 NAG D . 20.76 3.70 9.75
C1 D12 E . -15.21 8.15 -0.41
C2 D12 E . -14.85 9.16 0.67
C3 D12 E . -13.48 9.78 0.37
C4 D12 E . -13.13 10.81 1.43
C5 D12 E . -11.77 11.44 1.11
C6 D12 E . -10.69 10.38 1.16
C7 D12 E . -9.35 10.99 0.75
C8 D12 E . -8.95 12.06 1.77
C9 D12 E . -7.62 12.68 1.35
C10 D12 E . -7.19 13.72 2.40
C11 D12 E . -5.84 14.31 2.00
C12 D12 E . -5.42 15.33 3.04
C20 HP6 F . -9.58 1.40 18.09
C21 HP6 F . -8.21 0.82 18.45
C22 HP6 F . -8.06 -0.56 17.83
C23 HP6 F . -6.67 -1.12 18.14
C24 HP6 F . -6.49 -2.46 17.43
C25 HP6 F . -5.08 -2.98 17.69
C26 HP6 F . -4.88 -4.31 16.96
C20 HP6 G . -3.86 -10.26 14.54
C21 HP6 G . -2.65 -9.59 13.89
C22 HP6 G . -1.81 -8.89 14.95
C23 HP6 G . -1.28 -9.93 15.94
C24 HP6 G . -0.42 -9.23 16.99
C25 HP6 G . -1.27 -8.24 17.79
C26 HP6 G . -0.40 -7.55 18.83
C20 HP6 H . 1.25 -19.04 19.62
C21 HP6 H . 1.80 -17.61 19.62
C22 HP6 H . 0.72 -16.65 20.10
C23 HP6 H . 1.28 -15.23 20.12
C24 HP6 H . 0.21 -14.27 20.62
C25 HP6 H . 0.76 -12.84 20.65
C26 HP6 H . 1.93 -12.78 21.63
C1 D12 I . -15.14 3.03 -7.04
C2 D12 I . -14.49 4.34 -7.49
C3 D12 I . -14.70 5.40 -6.43
C4 D12 I . -14.05 6.71 -6.88
C5 D12 I . -14.24 7.77 -5.80
C6 D12 I . -13.56 9.07 -6.23
C7 D12 I . -13.69 10.10 -5.11
C8 D12 I . -12.94 11.37 -5.52
C9 D12 I . -12.98 12.37 -4.36
C10 D12 I . -12.17 13.62 -4.74
C11 D12 I . -12.18 14.59 -3.57
C12 D12 I . -11.34 15.82 -3.93
C20 HP6 J . -15.34 2.80 11.88
C21 HP6 J . -14.18 3.04 12.84
C22 HP6 J . -13.52 4.37 12.54
C23 HP6 J . -12.38 4.62 13.52
C24 HP6 J . -11.82 6.02 13.32
C25 HP6 J . -10.76 6.30 14.38
C26 HP6 J . -10.34 7.77 14.30
C1 LNK K . -23.66 4.02 -4.82
C2 LNK K . -22.60 4.68 -3.96
C3 LNK K . -21.38 5.02 -4.83
C4 LNK K . -20.32 5.72 -3.97
C5 LNK K . -19.10 6.03 -4.83
C20 HP6 L . -23.24 1.24 -7.48
C21 HP6 L . -22.07 0.41 -8.00
C22 HP6 L . -20.94 1.35 -8.43
C23 HP6 L . -19.77 0.52 -8.95
C24 HP6 L . -18.64 1.45 -9.38
C25 HP6 L . -17.47 0.62 -9.91
C26 HP6 L . -16.34 1.56 -10.34
C1 D12 M . -6.09 -33.58 -23.44
C2 D12 M . -6.03 -32.45 -22.42
C3 D12 M . -5.23 -31.29 -23.00
C4 D12 M . -5.22 -30.13 -22.01
C5 D12 M . -4.45 -28.95 -22.61
C6 D12 M . -4.46 -27.78 -21.63
C7 D12 M . -3.66 -26.62 -22.23
C8 D12 M . -3.59 -25.48 -21.22
C9 D12 M . -2.60 -24.43 -21.72
C10 D12 M . -2.31 -23.43 -20.60
C11 D12 M . -1.23 -22.45 -21.06
C12 D12 M . -0.85 -21.52 -19.91
C1 CLR N . -15.18 -14.47 -23.39
C2 CLR N . -16.44 -15.16 -23.89
C3 CLR N . -17.65 -14.28 -23.56
C4 CLR N . -17.51 -12.97 -24.32
C5 CLR N . -16.23 -12.31 -23.95
C6 CLR N . -16.25 -11.02 -23.65
C7 CLR N . -15.03 -10.26 -23.26
C8 CLR N . -13.81 -10.91 -23.89
C9 CLR N . -13.75 -12.40 -23.53
C10 CLR N . -14.98 -13.13 -24.11
C11 CLR N . -12.45 -13.06 -24.03
C12 CLR N . -11.20 -12.30 -23.62
C13 CLR N . -11.31 -10.85 -24.07
C14 CLR N . -12.55 -10.23 -23.38
C15 CLR N . -12.39 -8.75 -23.68
C16 CLR N . -10.88 -8.53 -23.50
C17 CLR N . -10.20 -9.91 -23.58
C18 CLR N . -11.46 -10.74 -25.61
C19 CLR N . -14.78 -13.38 -25.62
C20 CLR N . -8.96 -9.93 -24.51
C21 CLR N . -7.88 -10.82 -23.94
C22 CLR N . -8.42 -8.52 -24.74
C23 CLR N . -8.39 -8.23 -26.23
C24 CLR N . -7.57 -6.99 -26.51
C25 CLR N . -6.16 -7.39 -26.96
C26 CLR N . -5.74 -6.55 -28.16
C27 CLR N . -5.18 -7.19 -25.81
O1 CLR N . -18.78 -14.98 -23.99
C1 D10 O . -28.04 -6.15 11.11
C2 D10 O . -26.99 -5.84 12.18
C3 D10 O . -25.90 -6.91 12.15
C4 D10 O . -24.86 -6.59 13.22
C5 D10 O . -23.75 -7.65 13.18
C6 D10 O . -22.70 -7.33 14.23
C7 D10 O . -21.54 -8.32 14.11
C8 D10 O . -20.43 -7.92 15.07
C9 D10 O . -19.25 -8.89 14.92
C10 D10 O . -18.11 -8.46 15.86
#